data_1I1F
#
_entry.id   1I1F
#
_cell.length_a   49.574
_cell.length_b   62.970
_cell.length_c   74.559
_cell.angle_alpha   82.09
_cell.angle_beta   76.47
_cell.angle_gamma   77.78
#
_symmetry.space_group_name_H-M   'P 1'
#
loop_
_entity.id
_entity.type
_entity.pdbx_description
1 polymer 'PROTEIN (CLASS I HISTOCOMPATIBILITY ANTIGEN, GOGO-A0201 ALPHA CHAIN)'
2 polymer 'PROTEIN (BETA 2-MICROGLOBULIN)'
3 polymer 'PROTEIN (HIV-RT VARIANT PEPTIDE I1F (FLKEPVHGV))'
#
loop_
_entity_poly.entity_id
_entity_poly.type
_entity_poly.pdbx_seq_one_letter_code
_entity_poly.pdbx_strand_id
1 'polypeptide(L)'
;GSHSMRYFFTSVSRPGRGEPRFIAVGYVDDTQFVRFDSDAASQRMEPRAPWIEQEGPEYWDGETRKVKAHSQTHRVDLGT
LRGYYNQSEAGSHTVQRMYGCDVGSDWRFLRGYHQYAYDGKDYIALKEDLRSWTAADMAAQTTKHKWEAAHVAEQLRAYL
EGTCVEWLRRYLENGKETLQRTDAPKTHMTHHAVSDHEATLRCWALSFYPAEITLTWQRDGEDQTQDTELVETRPAGDGT
FQKWAAVVVPSGQEQRYTCHVQHEGLPKPLTLRWE
;
A,D
2 'polypeptide(L)'
;MIQRTPKIQVYSRHPAENGKSNFLNCYVSGFHPSDIEVDLLKNGERIEKVEHSDLSFSKDWSFYLLYYTEFTPTEKDEYA
CRVNHVTLSQPKIVKWDRDM
;
B,E
3 'polypeptide(L)' FLKEPVHGV C,F
#
# COMPACT_ATOMS: atom_id res chain seq x y z
N GLY A 1 -46.46 24.26 4.63
CA GLY A 1 -45.15 23.78 4.13
C GLY A 1 -44.97 22.26 3.98
N SER A 2 -43.88 21.92 3.31
CA SER A 2 -43.50 20.54 3.04
C SER A 2 -42.44 20.10 4.02
N HIS A 3 -42.57 18.89 4.55
CA HIS A 3 -41.65 18.45 5.61
C HIS A 3 -40.90 17.18 5.26
N SER A 4 -39.74 17.04 5.93
CA SER A 4 -38.92 15.88 5.63
C SER A 4 -38.23 15.33 6.87
N MET A 5 -38.01 14.01 6.87
CA MET A 5 -37.28 13.35 7.92
C MET A 5 -36.14 12.63 7.20
N ARG A 6 -34.87 12.80 7.54
CA ARG A 6 -33.84 12.11 6.81
C ARG A 6 -32.75 11.53 7.72
N TYR A 7 -32.20 10.37 7.33
CA TYR A 7 -31.09 9.81 8.10
C TYR A 7 -29.84 9.83 7.22
N PHE A 8 -28.72 10.24 7.81
CA PHE A 8 -27.44 10.33 7.14
C PHE A 8 -26.45 9.41 7.84
N PHE A 9 -25.91 8.45 7.10
CA PHE A 9 -24.97 7.49 7.70
C PHE A 9 -23.63 7.57 6.98
N THR A 10 -22.54 7.53 7.71
CA THR A 10 -21.20 7.62 7.15
C THR A 10 -20.31 6.61 7.85
N SER A 11 -19.76 5.72 7.07
CA SER A 11 -18.88 4.68 7.56
C SER A 11 -17.53 4.84 6.88
N VAL A 12 -16.45 4.93 7.65
CA VAL A 12 -15.10 5.15 7.13
C VAL A 12 -14.12 4.16 7.73
N SER A 13 -13.45 3.35 6.95
CA SER A 13 -12.53 2.34 7.47
C SER A 13 -11.19 2.93 7.84
N ARG A 14 -10.54 2.33 8.85
CA ARG A 14 -9.26 2.86 9.33
C ARG A 14 -8.26 1.71 9.43
N PRO A 15 -7.71 1.33 8.29
CA PRO A 15 -6.72 0.28 8.19
C PRO A 15 -5.69 0.36 9.31
N GLY A 16 -5.72 -0.65 10.19
CA GLY A 16 -4.78 -0.78 11.27
C GLY A 16 -4.99 0.13 12.47
N ARG A 17 -6.03 0.95 12.45
CA ARG A 17 -6.30 1.89 13.52
C ARG A 17 -7.59 1.53 14.23
N GLY A 18 -8.05 0.29 14.05
CA GLY A 18 -9.26 -0.14 14.77
C GLY A 18 -10.51 -0.27 13.90
N GLU A 19 -11.65 -0.47 14.57
CA GLU A 19 -12.93 -0.58 13.89
C GLU A 19 -13.20 0.65 13.02
N PRO A 20 -14.06 0.46 12.03
CA PRO A 20 -14.44 1.54 11.14
C PRO A 20 -15.19 2.58 11.95
N ARG A 21 -15.20 3.79 11.45
CA ARG A 21 -15.90 4.90 12.10
C ARG A 21 -17.35 4.86 11.63
N PHE A 22 -18.30 5.14 12.48
CA PHE A 22 -19.70 5.14 12.05
C PHE A 22 -20.39 6.37 12.64
N ILE A 23 -20.82 7.29 11.80
CA ILE A 23 -21.51 8.49 12.28
C ILE A 23 -22.92 8.38 11.69
N ALA A 24 -23.89 8.73 12.50
CA ALA A 24 -25.27 8.75 12.05
C ALA A 24 -25.86 10.06 12.57
N VAL A 25 -26.57 10.79 11.72
CA VAL A 25 -27.25 11.99 12.17
C VAL A 25 -28.68 11.86 11.64
N GLY A 26 -29.62 12.59 12.21
CA GLY A 26 -31.01 12.50 11.75
C GLY A 26 -31.58 13.90 11.83
N TYR A 27 -32.25 14.31 10.75
CA TYR A 27 -32.86 15.59 10.59
C TYR A 27 -34.36 15.52 10.32
N VAL A 28 -34.98 16.61 10.71
CA VAL A 28 -36.38 16.94 10.42
C VAL A 28 -36.30 18.30 9.78
N ASP A 29 -36.41 18.32 8.48
CA ASP A 29 -36.24 19.57 7.74
C ASP A 29 -34.81 20.03 8.02
N ASP A 30 -34.62 21.32 8.32
CA ASP A 30 -33.29 21.85 8.60
C ASP A 30 -32.83 21.70 10.03
N THR A 31 -33.51 20.91 10.87
CA THR A 31 -33.12 20.70 12.24
C THR A 31 -32.60 19.29 12.50
N GLN A 32 -31.44 19.21 13.11
CA GLN A 32 -30.87 17.93 13.51
C GLN A 32 -31.46 17.53 14.86
N PHE A 33 -32.01 16.32 14.98
CA PHE A 33 -32.53 15.94 16.30
C PHE A 33 -31.75 14.87 17.04
N VAL A 34 -30.97 13.99 16.41
CA VAL A 34 -30.25 12.96 17.12
C VAL A 34 -28.91 12.62 16.47
N ARG A 35 -28.02 11.95 17.18
CA ARG A 35 -26.80 11.50 16.56
C ARG A 35 -26.32 10.21 17.23
N PHE A 36 -25.41 9.52 16.55
CA PHE A 36 -24.72 8.33 16.97
C PHE A 36 -23.31 8.49 16.36
N ASP A 37 -22.31 8.25 17.16
CA ASP A 37 -20.90 8.35 16.79
C ASP A 37 -20.18 7.17 17.41
N SER A 38 -19.63 6.30 16.60
CA SER A 38 -18.94 5.08 16.98
C SER A 38 -17.78 5.30 17.91
N ASP A 39 -17.26 6.49 18.06
CA ASP A 39 -16.19 6.85 18.96
C ASP A 39 -16.72 7.58 20.18
N ALA A 40 -18.03 7.76 20.31
CA ALA A 40 -18.51 8.50 21.47
C ALA A 40 -18.44 7.58 22.70
N ALA A 41 -18.51 8.20 23.89
CA ALA A 41 -18.38 7.41 25.12
C ALA A 41 -19.65 6.63 25.44
N SER A 42 -20.79 7.32 25.44
CA SER A 42 -22.09 6.76 25.72
C SER A 42 -22.31 5.45 24.98
N GLN A 43 -22.21 5.51 23.65
CA GLN A 43 -22.46 4.32 22.84
C GLN A 43 -23.96 4.15 22.64
N ARG A 44 -24.67 5.29 22.66
CA ARG A 44 -26.10 5.31 22.48
C ARG A 44 -26.49 6.44 21.51
N MET A 45 -27.77 6.43 21.16
CA MET A 45 -28.30 7.48 20.28
C MET A 45 -28.46 8.68 21.21
N GLU A 46 -27.93 9.84 20.90
CA GLU A 46 -28.07 11.03 21.73
C GLU A 46 -29.00 12.04 21.07
N PRO A 47 -29.71 12.81 21.89
CA PRO A 47 -30.59 13.88 21.41
C PRO A 47 -29.76 15.10 21.03
N ARG A 48 -30.11 15.80 19.96
CA ARG A 48 -29.42 16.99 19.48
C ARG A 48 -30.44 18.13 19.35
N ALA A 49 -31.68 17.85 19.70
CA ALA A 49 -32.74 18.85 19.72
C ALA A 49 -33.47 18.75 21.05
N PRO A 50 -33.82 19.89 21.64
CA PRO A 50 -34.56 19.93 22.89
C PRO A 50 -35.88 19.19 22.80
N TRP A 51 -36.60 19.19 21.68
CA TRP A 51 -37.87 18.49 21.61
C TRP A 51 -37.81 16.98 21.47
N ILE A 52 -36.63 16.36 21.44
CA ILE A 52 -36.64 14.88 21.34
C ILE A 52 -36.23 14.32 22.70
N GLU A 53 -35.62 15.20 23.51
CA GLU A 53 -35.20 14.92 24.87
C GLU A 53 -36.37 14.44 25.72
N GLN A 54 -37.59 14.77 25.39
CA GLN A 54 -38.81 14.32 26.01
C GLN A 54 -39.01 12.84 25.75
N GLU A 55 -38.52 12.25 24.68
CA GLU A 55 -38.77 10.83 24.43
C GLU A 55 -38.38 9.97 25.62
N GLY A 56 -39.19 8.94 25.83
CA GLY A 56 -38.98 8.05 26.97
C GLY A 56 -37.79 7.13 26.74
N PRO A 57 -37.41 6.41 27.80
CA PRO A 57 -36.32 5.47 27.76
C PRO A 57 -36.46 4.38 26.72
N GLU A 58 -37.64 3.87 26.40
CA GLU A 58 -37.80 2.83 25.42
C GLU A 58 -37.43 3.31 24.01
N TYR A 59 -37.78 4.53 23.62
CA TYR A 59 -37.41 5.12 22.34
C TYR A 59 -35.91 5.13 22.16
N TRP A 60 -35.19 5.67 23.15
CA TRP A 60 -33.75 5.79 23.12
C TRP A 60 -33.11 4.41 23.05
N ASP A 61 -33.77 3.50 23.76
CA ASP A 61 -33.33 2.11 23.82
C ASP A 61 -33.44 1.50 22.44
N GLY A 62 -34.63 1.57 21.85
CA GLY A 62 -34.84 1.06 20.51
C GLY A 62 -34.06 1.72 19.40
N GLU A 63 -33.79 3.02 19.49
CA GLU A 63 -33.07 3.74 18.46
C GLU A 63 -31.59 3.45 18.62
N THR A 64 -31.16 3.13 19.83
CA THR A 64 -29.76 2.82 20.08
C THR A 64 -29.50 1.42 19.56
N ARG A 65 -30.49 0.55 19.66
CA ARG A 65 -30.46 -0.82 19.15
C ARG A 65 -30.31 -0.84 17.63
N LYS A 66 -31.25 -0.16 16.97
CA LYS A 66 -31.26 -0.01 15.54
C LYS A 66 -30.00 0.67 15.01
N VAL A 67 -29.57 1.76 15.65
CA VAL A 67 -28.42 2.54 15.22
C VAL A 67 -27.12 1.75 15.18
N LYS A 68 -26.86 0.89 16.16
CA LYS A 68 -25.64 0.07 16.10
C LYS A 68 -25.90 -1.16 15.23
N ALA A 69 -27.14 -1.54 14.99
CA ALA A 69 -27.46 -2.58 14.00
C ALA A 69 -26.92 -2.08 12.64
N HIS A 70 -27.37 -0.88 12.24
CA HIS A 70 -26.88 -0.19 11.06
C HIS A 70 -25.35 -0.14 10.99
N SER A 71 -24.76 0.36 12.07
CA SER A 71 -23.32 0.41 12.26
C SER A 71 -22.65 -0.91 11.86
N GLN A 72 -23.11 -2.03 12.45
CA GLN A 72 -22.55 -3.32 12.11
C GLN A 72 -22.70 -3.61 10.63
N THR A 73 -23.92 -3.44 10.12
CA THR A 73 -24.16 -3.61 8.69
C THR A 73 -23.14 -2.81 7.90
N HIS A 74 -22.88 -1.56 8.28
CA HIS A 74 -21.83 -0.80 7.59
C HIS A 74 -20.42 -1.29 7.84
N ARG A 75 -20.09 -2.03 8.89
CA ARG A 75 -18.75 -2.54 9.16
C ARG A 75 -18.51 -3.75 8.27
N VAL A 76 -19.57 -4.47 7.97
CA VAL A 76 -19.52 -5.60 7.04
C VAL A 76 -19.47 -5.04 5.61
N ASP A 77 -20.24 -4.01 5.32
CA ASP A 77 -20.30 -3.38 4.01
C ASP A 77 -18.94 -2.92 3.52
N LEU A 78 -18.16 -2.33 4.41
CA LEU A 78 -16.80 -1.94 4.01
C LEU A 78 -16.03 -3.12 3.44
N GLY A 79 -16.14 -4.29 4.04
CA GLY A 79 -15.49 -5.50 3.62
C GLY A 79 -15.97 -6.16 2.36
N THR A 80 -17.25 -6.11 2.05
CA THR A 80 -17.84 -6.71 0.87
C THR A 80 -17.46 -5.90 -0.36
N LEU A 81 -17.63 -4.58 -0.33
CA LEU A 81 -17.27 -3.67 -1.41
C LEU A 81 -15.79 -3.79 -1.75
N ARG A 82 -14.98 -4.00 -0.71
CA ARG A 82 -13.54 -4.20 -0.83
C ARG A 82 -13.28 -5.43 -1.70
N GLY A 83 -14.01 -6.51 -1.35
CA GLY A 83 -13.90 -7.74 -2.11
C GLY A 83 -14.49 -7.50 -3.51
N TYR A 84 -15.67 -6.87 -3.60
CA TYR A 84 -16.28 -6.61 -4.89
C TYR A 84 -15.35 -5.84 -5.83
N TYR A 85 -14.71 -4.79 -5.29
CA TYR A 85 -13.87 -3.98 -6.14
C TYR A 85 -12.45 -4.47 -6.13
N ASN A 86 -12.22 -5.58 -5.41
CA ASN A 86 -10.87 -6.12 -5.40
C ASN A 86 -9.88 -5.08 -4.94
N GLN A 87 -10.17 -4.46 -3.80
CA GLN A 87 -9.37 -3.37 -3.26
C GLN A 87 -8.39 -3.88 -2.21
N SER A 88 -7.26 -3.16 -2.12
CA SER A 88 -6.28 -3.55 -1.09
C SER A 88 -6.93 -3.45 0.28
N GLU A 89 -6.38 -4.11 1.32
CA GLU A 89 -7.00 -3.93 2.65
C GLU A 89 -6.26 -2.84 3.42
N ALA A 90 -5.32 -2.21 2.70
CA ALA A 90 -4.49 -1.17 3.30
C ALA A 90 -5.14 0.20 3.32
N GLY A 91 -6.03 0.50 2.39
CA GLY A 91 -6.59 1.82 2.25
C GLY A 91 -7.98 2.07 2.74
N SER A 92 -8.17 3.22 3.34
CA SER A 92 -9.44 3.65 3.87
C SER A 92 -10.46 3.88 2.76
N HIS A 93 -11.68 3.44 3.02
CA HIS A 93 -12.75 3.63 2.05
C HIS A 93 -13.93 4.25 2.79
N THR A 94 -14.81 4.91 2.04
CA THR A 94 -15.98 5.53 2.65
C THR A 94 -17.28 4.96 2.08
N VAL A 95 -18.21 4.62 2.95
CA VAL A 95 -19.57 4.23 2.55
C VAL A 95 -20.50 5.35 3.02
N GLN A 96 -21.58 5.66 2.33
CA GLN A 96 -22.50 6.69 2.74
C GLN A 96 -23.90 6.22 2.38
N ARG A 97 -24.84 6.39 3.28
CA ARG A 97 -26.21 5.97 3.05
C ARG A 97 -27.13 7.09 3.55
N MET A 98 -28.22 7.29 2.81
CA MET A 98 -29.22 8.27 3.13
C MET A 98 -30.61 7.76 2.80
N TYR A 99 -31.52 7.84 3.76
CA TYR A 99 -32.90 7.46 3.55
C TYR A 99 -33.82 8.39 4.33
N GLY A 100 -35.05 8.49 3.85
CA GLY A 100 -36.04 9.32 4.49
C GLY A 100 -37.27 9.42 3.61
N CYS A 101 -38.18 10.29 4.03
CA CYS A 101 -39.45 10.52 3.36
C CYS A 101 -39.83 11.99 3.43
N ASP A 102 -40.48 12.41 2.34
CA ASP A 102 -41.01 13.76 2.21
C ASP A 102 -42.53 13.76 2.29
N VAL A 103 -43.11 14.75 2.95
CA VAL A 103 -44.54 14.96 3.03
C VAL A 103 -44.88 16.36 2.50
N GLY A 104 -46.05 16.46 1.89
CA GLY A 104 -46.50 17.75 1.38
C GLY A 104 -47.07 18.63 2.49
N SER A 105 -47.70 19.73 2.04
CA SER A 105 -48.40 20.68 2.90
C SER A 105 -49.57 20.02 3.64
N ASP A 106 -50.14 18.94 3.08
CA ASP A 106 -51.19 18.22 3.78
C ASP A 106 -50.65 17.19 4.75
N TRP A 107 -49.35 17.04 4.93
CA TRP A 107 -48.72 16.10 5.84
C TRP A 107 -48.85 14.66 5.36
N ARG A 108 -49.02 14.60 4.03
CA ARG A 108 -49.25 13.32 3.37
C ARG A 108 -48.07 12.87 2.54
N PHE A 109 -47.78 11.56 2.59
CA PHE A 109 -46.64 11.00 1.87
C PHE A 109 -46.41 11.62 0.50
N LEU A 110 -45.23 12.13 0.19
CA LEU A 110 -44.93 12.68 -1.12
C LEU A 110 -43.84 11.87 -1.84
N ARG A 111 -42.76 11.53 -1.13
CA ARG A 111 -41.75 10.68 -1.77
C ARG A 111 -40.86 10.04 -0.73
N GLY A 112 -40.26 8.91 -1.01
CA GLY A 112 -39.43 8.11 -0.14
C GLY A 112 -38.13 7.71 -0.83
N TYR A 113 -37.01 7.72 -0.10
CA TYR A 113 -35.72 7.51 -0.76
C TYR A 113 -34.78 6.69 0.10
N HIS A 114 -33.88 6.02 -0.60
CA HIS A 114 -32.89 5.17 0.04
C HIS A 114 -31.70 5.11 -0.91
N GLN A 115 -30.67 5.87 -0.59
CA GLN A 115 -29.47 6.01 -1.40
C GLN A 115 -28.23 5.51 -0.69
N TYR A 116 -27.29 5.01 -1.49
CA TYR A 116 -26.05 4.44 -0.99
C TYR A 116 -24.90 4.81 -1.89
N ALA A 117 -23.74 5.15 -1.35
CA ALA A 117 -22.58 5.51 -2.14
C ALA A 117 -21.33 4.81 -1.61
N TYR A 118 -20.36 4.63 -2.50
CA TYR A 118 -19.08 4.05 -2.12
C TYR A 118 -18.02 5.03 -2.62
N ASP A 119 -17.14 5.43 -1.72
CA ASP A 119 -16.10 6.41 -2.00
C ASP A 119 -16.59 7.61 -2.77
N GLY A 120 -17.68 8.23 -2.35
CA GLY A 120 -18.26 9.40 -2.96
C GLY A 120 -19.03 9.24 -4.23
N LYS A 121 -19.26 8.04 -4.75
CA LYS A 121 -19.99 7.84 -5.99
C LYS A 121 -21.22 7.00 -5.77
N ASP A 122 -22.29 7.35 -6.48
CA ASP A 122 -23.53 6.58 -6.45
C ASP A 122 -23.23 5.08 -6.61
N TYR A 123 -23.77 4.30 -5.71
CA TYR A 123 -23.59 2.86 -5.71
C TYR A 123 -24.95 2.25 -6.04
N ILE A 124 -25.91 2.42 -5.15
CA ILE A 124 -27.22 1.83 -5.43
C ILE A 124 -28.30 2.74 -4.86
N ALA A 125 -29.41 2.83 -5.55
CA ALA A 125 -30.47 3.71 -5.04
C ALA A 125 -31.85 3.20 -5.42
N LEU A 126 -32.79 3.54 -4.56
CA LEU A 126 -34.18 3.17 -4.69
C LEU A 126 -34.90 4.21 -5.54
N LYS A 127 -35.63 3.75 -6.55
CA LYS A 127 -36.29 4.67 -7.46
C LYS A 127 -37.48 5.31 -6.75
N GLU A 128 -38.03 6.35 -7.37
CA GLU A 128 -39.17 7.04 -6.79
C GLU A 128 -40.38 6.13 -6.64
N ASP A 129 -40.51 5.06 -7.39
CA ASP A 129 -41.60 4.11 -7.39
C ASP A 129 -41.50 3.11 -6.25
N LEU A 130 -40.39 3.15 -5.52
CA LEU A 130 -40.15 2.27 -4.38
C LEU A 130 -40.29 0.81 -4.72
N ARG A 131 -40.03 0.39 -5.95
CA ARG A 131 -40.21 -0.96 -6.41
C ARG A 131 -39.04 -1.41 -7.29
N SER A 132 -38.08 -0.54 -7.48
CA SER A 132 -37.00 -0.86 -8.42
C SER A 132 -35.73 -0.11 -8.02
N TRP A 133 -34.59 -0.68 -8.34
CA TRP A 133 -33.30 -0.14 -8.00
C TRP A 133 -32.47 0.39 -9.18
N THR A 134 -31.65 1.40 -8.92
CA THR A 134 -30.67 1.89 -9.85
C THR A 134 -29.30 1.38 -9.43
N ALA A 135 -28.77 0.39 -10.14
CA ALA A 135 -27.44 -0.14 -9.86
C ALA A 135 -26.47 0.65 -10.74
N ALA A 136 -25.29 0.98 -10.25
CA ALA A 136 -24.39 1.88 -10.99
C ALA A 136 -23.40 1.04 -11.79
N ASP A 137 -22.76 0.12 -11.08
CA ASP A 137 -21.82 -0.75 -11.79
C ASP A 137 -22.23 -2.17 -11.47
N MET A 138 -21.49 -3.14 -11.96
CA MET A 138 -21.74 -4.54 -11.72
C MET A 138 -21.72 -4.89 -10.24
N ALA A 139 -20.86 -4.27 -9.43
CA ALA A 139 -20.78 -4.59 -8.01
C ALA A 139 -22.12 -4.22 -7.38
N ALA A 140 -22.66 -3.08 -7.78
CA ALA A 140 -23.93 -2.55 -7.35
C ALA A 140 -25.08 -3.43 -7.82
N GLN A 141 -24.81 -4.13 -8.91
CA GLN A 141 -25.73 -5.04 -9.54
C GLN A 141 -25.88 -6.36 -8.80
N THR A 142 -24.77 -6.78 -8.21
CA THR A 142 -24.75 -7.95 -7.34
C THR A 142 -25.49 -7.58 -6.06
N THR A 143 -25.32 -6.36 -5.56
CA THR A 143 -26.10 -5.89 -4.43
C THR A 143 -27.59 -5.80 -4.76
N LYS A 144 -27.89 -5.38 -5.99
CA LYS A 144 -29.25 -5.24 -6.47
C LYS A 144 -29.95 -6.59 -6.46
N HIS A 145 -29.34 -7.64 -6.98
CA HIS A 145 -29.92 -8.97 -6.96
C HIS A 145 -30.22 -9.42 -5.54
N LYS A 146 -29.17 -9.34 -4.72
CA LYS A 146 -29.29 -9.64 -3.30
C LYS A 146 -30.44 -8.88 -2.65
N TRP A 147 -30.60 -7.58 -2.87
CA TRP A 147 -31.73 -6.88 -2.27
C TRP A 147 -33.04 -7.29 -2.93
N GLU A 148 -33.01 -7.67 -4.20
CA GLU A 148 -34.24 -8.13 -4.85
C GLU A 148 -34.71 -9.44 -4.19
N ALA A 149 -33.83 -10.42 -4.05
CA ALA A 149 -34.17 -11.71 -3.49
C ALA A 149 -34.64 -11.61 -2.05
N ALA A 150 -33.98 -10.81 -1.23
CA ALA A 150 -34.34 -10.52 0.15
C ALA A 150 -35.56 -9.60 0.27
N HIS A 151 -36.16 -9.20 -0.85
CA HIS A 151 -37.32 -8.35 -0.93
C HIS A 151 -37.15 -7.10 -0.07
N VAL A 152 -36.12 -6.32 -0.35
CA VAL A 152 -35.80 -5.16 0.48
C VAL A 152 -36.65 -3.97 0.09
N ALA A 153 -36.94 -3.75 -1.18
CA ALA A 153 -37.71 -2.61 -1.66
C ALA A 153 -39.08 -2.66 -1.00
N GLU A 154 -39.71 -3.84 -1.01
CA GLU A 154 -41.00 -3.98 -0.37
C GLU A 154 -40.93 -3.57 1.09
N GLN A 155 -39.87 -3.95 1.79
CA GLN A 155 -39.72 -3.64 3.19
C GLN A 155 -39.49 -2.16 3.40
N LEU A 156 -38.69 -1.59 2.51
CA LEU A 156 -38.36 -0.15 2.56
C LEU A 156 -39.56 0.69 2.19
N ARG A 157 -40.44 0.23 1.32
CA ARG A 157 -41.65 0.93 0.92
C ARG A 157 -42.60 1.16 2.08
N ALA A 158 -42.79 0.13 2.88
CA ALA A 158 -43.64 0.16 4.06
C ALA A 158 -43.08 1.18 5.07
N TYR A 159 -41.74 1.22 5.18
CA TYR A 159 -41.06 2.14 6.05
C TYR A 159 -41.29 3.57 5.60
N LEU A 160 -40.75 3.92 4.44
CA LEU A 160 -40.85 5.30 3.96
C LEU A 160 -42.28 5.74 3.79
N GLU A 161 -43.18 4.98 3.17
CA GLU A 161 -44.57 5.38 3.05
C GLU A 161 -45.33 5.35 4.38
N GLY A 162 -44.92 4.61 5.39
CA GLY A 162 -45.65 4.53 6.63
C GLY A 162 -45.03 4.99 7.92
N THR A 163 -44.21 4.18 8.57
CA THR A 163 -43.63 4.51 9.85
C THR A 163 -42.82 5.80 9.77
N CYS A 164 -42.22 6.08 8.63
CA CYS A 164 -41.45 7.30 8.42
C CYS A 164 -42.35 8.52 8.48
N VAL A 165 -43.39 8.54 7.65
CA VAL A 165 -44.27 9.71 7.62
C VAL A 165 -44.96 9.81 8.96
N GLU A 166 -45.36 8.67 9.54
CA GLU A 166 -46.00 8.57 10.82
C GLU A 166 -45.22 9.19 11.98
N TRP A 167 -43.93 8.95 12.04
CA TRP A 167 -43.09 9.49 13.10
C TRP A 167 -42.62 10.89 12.76
N LEU A 168 -42.66 11.25 11.48
CA LEU A 168 -42.30 12.60 11.04
C LEU A 168 -43.34 13.56 11.64
N ARG A 169 -44.59 13.23 11.39
CA ARG A 169 -45.75 13.95 11.90
C ARG A 169 -45.66 14.14 13.40
N ARG A 170 -45.42 13.06 14.11
CA ARG A 170 -45.28 13.07 15.56
C ARG A 170 -44.23 14.07 15.99
N TYR A 171 -43.07 14.05 15.35
CA TYR A 171 -41.99 14.99 15.61
C TYR A 171 -42.46 16.42 15.38
N LEU A 172 -43.14 16.61 14.24
CA LEU A 172 -43.70 17.91 13.89
C LEU A 172 -44.56 18.46 15.01
N GLU A 173 -45.55 17.71 15.51
CA GLU A 173 -46.36 18.22 16.60
C GLU A 173 -45.51 18.33 17.86
N ASN A 174 -44.76 17.27 18.15
CA ASN A 174 -43.98 17.30 19.37
C ASN A 174 -43.07 18.49 19.47
N GLY A 175 -42.48 18.95 18.37
CA GLY A 175 -41.55 20.06 18.36
C GLY A 175 -42.19 21.23 17.64
N LYS A 176 -43.51 21.34 17.67
CA LYS A 176 -44.21 22.42 17.02
C LYS A 176 -43.53 23.78 17.11
N GLU A 177 -43.01 24.21 18.25
CA GLU A 177 -42.46 25.54 18.36
C GLU A 177 -41.28 25.85 17.46
N THR A 178 -40.41 24.90 17.16
CA THR A 178 -39.23 25.15 16.36
C THR A 178 -39.25 24.39 15.04
N LEU A 179 -40.13 23.43 14.87
CA LEU A 179 -40.16 22.72 13.59
C LEU A 179 -41.19 23.37 12.69
N GLN A 180 -42.34 23.71 13.28
CA GLN A 180 -43.42 24.38 12.59
C GLN A 180 -43.36 25.90 12.57
N ARG A 181 -42.21 26.44 12.92
CA ARG A 181 -42.04 27.88 12.92
C ARG A 181 -41.30 28.35 11.66
N THR A 182 -41.83 29.33 10.95
CA THR A 182 -41.06 29.78 9.78
C THR A 182 -40.61 31.23 10.00
N ASP A 183 -39.31 31.35 10.25
CA ASP A 183 -38.68 32.63 10.50
C ASP A 183 -38.32 33.31 9.20
N ALA A 184 -38.92 34.48 9.00
CA ALA A 184 -38.64 35.24 7.80
C ALA A 184 -37.23 35.77 7.97
N PRO A 185 -36.64 36.17 6.86
CA PRO A 185 -35.30 36.74 6.86
C PRO A 185 -35.25 38.18 7.31
N LYS A 186 -34.28 38.42 8.17
CA LYS A 186 -33.89 39.77 8.59
C LYS A 186 -32.98 40.22 7.47
N THR A 187 -33.40 41.17 6.68
CA THR A 187 -32.61 41.57 5.52
C THR A 187 -31.96 42.91 5.72
N HIS A 188 -30.86 43.22 5.06
CA HIS A 188 -30.22 44.53 5.20
C HIS A 188 -29.13 44.66 4.13
N MET A 189 -28.70 45.85 3.76
CA MET A 189 -27.74 46.04 2.69
C MET A 189 -26.53 46.84 3.14
N THR A 190 -25.35 46.54 2.60
CA THR A 190 -24.12 47.23 2.92
C THR A 190 -23.44 47.74 1.64
N HIS A 191 -22.75 48.86 1.77
CA HIS A 191 -22.05 49.52 0.68
C HIS A 191 -20.58 49.73 1.01
N HIS A 192 -19.65 49.13 0.30
CA HIS A 192 -18.23 49.22 0.57
C HIS A 192 -17.56 49.85 -0.64
N ALA A 193 -16.90 51.01 -0.56
CA ALA A 193 -16.19 51.54 -1.72
C ALA A 193 -14.98 50.69 -2.04
N VAL A 194 -14.84 50.17 -3.25
CA VAL A 194 -13.66 49.32 -3.53
C VAL A 194 -12.52 50.15 -4.07
N SER A 195 -12.81 51.00 -5.02
CA SER A 195 -11.92 51.94 -5.67
C SER A 195 -12.73 53.23 -5.84
N ASP A 196 -12.12 54.26 -6.37
CA ASP A 196 -12.86 55.51 -6.61
C ASP A 196 -13.97 55.37 -7.64
N HIS A 197 -13.91 54.41 -8.56
CA HIS A 197 -14.98 54.29 -9.56
C HIS A 197 -15.85 53.05 -9.44
N GLU A 198 -15.83 52.29 -8.35
CA GLU A 198 -16.59 51.06 -8.20
C GLU A 198 -16.98 50.89 -6.74
N ALA A 199 -17.94 49.99 -6.50
CA ALA A 199 -18.30 49.77 -5.08
C ALA A 199 -19.12 48.51 -4.89
N THR A 200 -18.85 47.83 -3.77
CA THR A 200 -19.58 46.61 -3.46
C THR A 200 -20.88 46.90 -2.70
N LEU A 201 -21.89 46.20 -3.17
CA LEU A 201 -23.24 46.24 -2.62
C LEU A 201 -23.57 44.85 -2.06
N ARG A 202 -23.82 44.77 -0.76
CA ARG A 202 -24.12 43.48 -0.17
C ARG A 202 -25.52 43.35 0.43
N CYS A 203 -26.20 42.35 -0.10
CA CYS A 203 -27.51 41.99 0.41
C CYS A 203 -27.43 40.90 1.48
N TRP A 204 -27.97 41.21 2.63
CA TRP A 204 -28.02 40.26 3.74
C TRP A 204 -29.37 39.65 4.06
N ALA A 205 -29.30 38.36 4.36
CA ALA A 205 -30.50 37.59 4.75
C ALA A 205 -30.12 36.80 6.00
N LEU A 206 -30.35 37.34 7.18
CA LEU A 206 -29.99 36.68 8.44
C LEU A 206 -31.15 36.12 9.26
N SER A 207 -30.81 35.19 10.14
CA SER A 207 -31.62 34.44 11.08
C SER A 207 -32.96 33.99 10.54
N PHE A 208 -32.87 33.12 9.51
CA PHE A 208 -34.11 32.60 8.91
C PHE A 208 -34.13 31.08 9.10
N TYR A 209 -35.33 30.53 9.06
CA TYR A 209 -35.63 29.11 9.17
C TYR A 209 -36.98 28.92 8.47
N PRO A 210 -37.09 27.97 7.56
CA PRO A 210 -36.05 27.07 7.19
C PRO A 210 -34.93 27.62 6.32
N ALA A 211 -33.99 26.79 5.88
CA ALA A 211 -32.85 27.19 5.09
C ALA A 211 -33.16 27.70 3.69
N GLU A 212 -34.12 27.10 3.02
CA GLU A 212 -34.51 27.51 1.69
C GLU A 212 -34.63 29.02 1.50
N ILE A 213 -34.07 29.56 0.42
CA ILE A 213 -34.14 31.00 0.19
C ILE A 213 -33.66 31.36 -1.21
N THR A 214 -34.19 32.49 -1.67
CA THR A 214 -33.78 32.95 -2.99
C THR A 214 -33.30 34.38 -2.78
N LEU A 215 -32.00 34.52 -2.89
CA LEU A 215 -31.36 35.82 -2.71
C LEU A 215 -30.85 36.21 -4.08
N THR A 216 -31.53 37.16 -4.71
CA THR A 216 -31.15 37.56 -6.07
C THR A 216 -30.81 39.02 -6.24
N TRP A 217 -29.89 39.32 -7.16
CA TRP A 217 -29.57 40.71 -7.50
C TRP A 217 -30.05 41.02 -8.92
N GLN A 218 -30.62 42.21 -9.06
CA GLN A 218 -31.06 42.59 -10.42
C GLN A 218 -30.73 44.04 -10.74
N ARG A 219 -30.39 44.28 -12.01
CA ARG A 219 -30.04 45.61 -12.46
C ARG A 219 -31.01 46.03 -13.54
N ASP A 220 -31.73 47.12 -13.30
CA ASP A 220 -32.77 47.62 -14.18
C ASP A 220 -33.87 46.58 -14.33
N GLY A 221 -34.11 45.82 -13.28
CA GLY A 221 -35.06 44.75 -13.21
C GLY A 221 -34.50 43.44 -13.78
N GLU A 222 -33.39 43.48 -14.51
CA GLU A 222 -32.84 42.26 -15.07
C GLU A 222 -31.82 41.70 -14.10
N ASP A 223 -31.98 40.42 -13.84
CA ASP A 223 -31.15 39.60 -13.01
C ASP A 223 -29.69 39.63 -13.44
N GLN A 224 -28.80 39.63 -12.46
CA GLN A 224 -27.36 39.72 -12.67
C GLN A 224 -26.70 38.43 -12.20
N THR A 225 -27.32 37.31 -12.54
CA THR A 225 -26.81 36.01 -12.09
C THR A 225 -25.35 35.80 -12.45
N GLN A 226 -24.91 36.26 -13.63
CA GLN A 226 -23.52 36.07 -14.00
C GLN A 226 -22.55 36.92 -13.19
N ASP A 227 -22.88 38.05 -12.59
CA ASP A 227 -21.83 38.88 -11.97
C ASP A 227 -22.07 39.19 -10.50
N THR A 228 -22.70 38.22 -9.85
CA THR A 228 -22.98 38.34 -8.44
C THR A 228 -22.27 37.29 -7.63
N GLU A 229 -21.59 37.68 -6.57
CA GLU A 229 -21.11 36.64 -5.66
C GLU A 229 -22.28 36.24 -4.75
N LEU A 230 -22.42 34.95 -4.56
CA LEU A 230 -23.46 34.35 -3.74
C LEU A 230 -22.85 33.24 -2.87
N VAL A 231 -22.94 33.39 -1.56
CA VAL A 231 -22.39 32.40 -0.65
C VAL A 231 -23.42 31.29 -0.41
N GLU A 232 -22.93 30.11 -0.07
CA GLU A 232 -23.91 29.03 0.19
C GLU A 232 -24.54 29.29 1.55
N THR A 233 -25.81 28.94 1.65
CA THR A 233 -26.59 29.11 2.90
C THR A 233 -25.88 28.39 4.00
N ARG A 234 -25.48 29.14 5.02
CA ARG A 234 -24.66 28.64 6.12
C ARG A 234 -25.36 28.73 7.45
N PRO A 235 -25.16 27.77 8.33
CA PRO A 235 -25.75 27.77 9.66
C PRO A 235 -25.16 28.82 10.60
N ALA A 236 -26.03 29.44 11.38
CA ALA A 236 -25.66 30.43 12.38
C ALA A 236 -25.38 29.78 13.73
N GLY A 237 -25.71 28.51 13.90
CA GLY A 237 -25.51 27.79 15.12
C GLY A 237 -26.50 28.12 16.22
N ASP A 238 -27.67 28.66 15.90
CA ASP A 238 -28.68 29.06 16.87
C ASP A 238 -30.01 28.55 16.34
N GLY A 239 -29.93 27.61 15.39
CA GLY A 239 -31.09 27.03 14.77
C GLY A 239 -31.54 27.78 13.52
N THR A 240 -30.83 28.84 13.17
CA THR A 240 -31.18 29.64 12.02
C THR A 240 -30.03 29.69 11.00
N PHE A 241 -30.42 30.18 9.81
CA PHE A 241 -29.49 30.24 8.70
C PHE A 241 -29.30 31.67 8.23
N GLN A 242 -28.17 31.89 7.60
CA GLN A 242 -27.72 33.15 7.04
C GLN A 242 -27.34 33.00 5.57
N LYS A 243 -27.28 34.13 4.89
CA LYS A 243 -26.85 34.09 3.50
C LYS A 243 -26.64 35.50 2.94
N TRP A 244 -25.77 35.58 1.95
CA TRP A 244 -25.60 36.86 1.28
C TRP A 244 -25.32 36.75 -0.22
N ALA A 245 -25.62 37.89 -0.85
CA ALA A 245 -25.43 38.08 -2.28
C ALA A 245 -24.65 39.37 -2.43
N ALA A 246 -23.59 39.33 -3.25
CA ALA A 246 -22.81 40.56 -3.44
C ALA A 246 -22.63 40.92 -4.91
N VAL A 247 -22.73 42.22 -5.20
CA VAL A 247 -22.54 42.69 -6.58
C VAL A 247 -21.66 43.92 -6.63
N VAL A 248 -20.68 43.89 -7.51
CA VAL A 248 -19.77 45.00 -7.71
C VAL A 248 -20.41 45.92 -8.74
N VAL A 249 -20.52 47.14 -8.29
CA VAL A 249 -21.31 48.19 -8.94
C VAL A 249 -20.53 49.49 -9.25
N PRO A 250 -20.65 50.03 -10.48
CA PRO A 250 -20.07 51.33 -10.82
C PRO A 250 -20.68 52.48 -10.04
N SER A 251 -19.91 53.11 -9.16
CA SER A 251 -20.32 54.20 -8.31
C SER A 251 -21.14 55.27 -9.05
N GLY A 252 -22.28 55.58 -8.45
CA GLY A 252 -23.22 56.55 -8.98
C GLY A 252 -24.38 55.74 -9.59
N GLN A 253 -24.25 54.42 -9.51
CA GLN A 253 -25.21 53.53 -10.10
C GLN A 253 -25.84 52.55 -9.13
N GLU A 254 -25.73 52.82 -7.83
CA GLU A 254 -26.28 51.94 -6.82
C GLU A 254 -27.79 51.77 -6.94
N GLN A 255 -28.49 52.84 -7.24
CA GLN A 255 -29.91 52.97 -7.39
C GLN A 255 -30.54 52.08 -8.46
N ARG A 256 -29.84 51.43 -9.37
CA ARG A 256 -30.54 50.64 -10.37
C ARG A 256 -30.50 49.16 -10.06
N TYR A 257 -29.74 48.83 -9.03
CA TYR A 257 -29.61 47.50 -8.49
C TYR A 257 -30.64 47.34 -7.37
N THR A 258 -31.20 46.14 -7.28
CA THR A 258 -32.25 45.82 -6.32
C THR A 258 -32.08 44.35 -5.90
N CYS A 259 -31.99 44.16 -4.59
CA CYS A 259 -31.87 42.79 -4.11
C CYS A 259 -33.24 42.18 -3.91
N HIS A 260 -33.41 40.90 -4.21
CA HIS A 260 -34.71 40.24 -4.08
C HIS A 260 -34.56 39.06 -3.13
N VAL A 261 -35.50 38.96 -2.19
CA VAL A 261 -35.49 37.95 -1.16
C VAL A 261 -36.80 37.18 -1.20
N GLN A 262 -36.69 35.88 -1.38
CA GLN A 262 -37.84 34.99 -1.42
C GLN A 262 -37.65 33.95 -0.29
N HIS A 263 -38.65 33.92 0.57
CA HIS A 263 -38.62 33.01 1.70
C HIS A 263 -40.04 32.70 2.19
N GLU A 264 -40.25 31.49 2.69
CA GLU A 264 -41.52 31.06 3.24
C GLU A 264 -42.04 31.89 4.39
N GLY A 265 -41.15 32.50 5.14
CA GLY A 265 -41.36 33.38 6.26
C GLY A 265 -41.90 34.73 5.84
N LEU A 266 -41.86 35.08 4.57
CA LEU A 266 -42.35 36.38 4.14
C LEU A 266 -43.65 36.17 3.40
N PRO A 267 -44.63 37.01 3.61
CA PRO A 267 -45.92 36.90 2.94
C PRO A 267 -45.69 37.35 1.49
N LYS A 268 -44.72 38.24 1.32
CA LYS A 268 -44.38 38.82 0.04
C LYS A 268 -42.86 38.93 -0.10
N PRO A 269 -42.39 38.74 -1.31
CA PRO A 269 -40.97 38.78 -1.59
C PRO A 269 -40.45 40.20 -1.40
N LEU A 270 -39.31 40.33 -0.75
CA LEU A 270 -38.73 41.64 -0.54
C LEU A 270 -37.89 42.11 -1.72
N THR A 271 -37.99 43.40 -1.95
CA THR A 271 -37.23 44.15 -2.92
C THR A 271 -36.55 45.33 -2.21
N LEU A 272 -35.25 45.26 -1.94
CA LEU A 272 -34.56 46.35 -1.28
C LEU A 272 -33.69 47.00 -2.35
N ARG A 273 -33.24 48.20 -2.07
CA ARG A 273 -32.48 49.00 -3.02
C ARG A 273 -31.56 49.91 -2.23
N TRP A 274 -30.42 50.34 -2.77
CA TRP A 274 -29.57 51.16 -1.87
C TRP A 274 -30.00 52.60 -2.00
N GLU A 275 -30.32 53.36 -0.96
CA GLU A 275 -30.79 54.74 -1.14
C GLU A 275 -31.34 55.47 0.09
N MET B 1 -10.33 7.55 -6.43
CA MET B 1 -11.19 8.22 -5.44
C MET B 1 -11.50 9.68 -5.69
N ILE B 2 -12.78 9.99 -5.60
CA ILE B 2 -13.22 11.37 -5.76
C ILE B 2 -12.61 12.19 -4.64
N GLN B 3 -12.27 13.42 -4.97
CA GLN B 3 -11.64 14.35 -4.05
C GLN B 3 -12.15 15.76 -4.36
N ARG B 4 -13.13 16.19 -3.56
CA ARG B 4 -13.75 17.49 -3.73
C ARG B 4 -13.26 18.37 -2.60
N THR B 5 -12.96 19.59 -2.98
CA THR B 5 -12.38 20.56 -2.07
C THR B 5 -13.44 21.33 -1.31
N PRO B 6 -13.10 21.59 -0.04
CA PRO B 6 -13.95 22.29 0.87
C PRO B 6 -14.13 23.76 0.60
N LYS B 7 -15.38 24.16 0.67
CA LYS B 7 -15.72 25.58 0.64
C LYS B 7 -15.54 26.03 2.09
N ILE B 8 -15.09 27.24 2.28
CA ILE B 8 -14.82 27.74 3.64
C ILE B 8 -15.52 29.08 3.89
N GLN B 9 -16.44 29.11 4.84
CA GLN B 9 -17.09 30.36 5.22
C GLN B 9 -16.76 30.74 6.66
N VAL B 10 -16.30 31.97 6.86
CA VAL B 10 -15.91 32.48 8.17
C VAL B 10 -16.85 33.63 8.51
N TYR B 11 -17.58 33.46 9.59
CA TYR B 11 -18.61 34.42 10.00
C TYR B 11 -18.98 34.33 11.48
N SER B 12 -19.68 35.39 11.90
CA SER B 12 -20.19 35.49 13.25
C SER B 12 -21.67 35.15 13.27
N ARG B 13 -22.16 34.65 14.40
CA ARG B 13 -23.53 34.15 14.49
C ARG B 13 -24.52 35.30 14.33
N HIS B 14 -24.16 36.40 14.97
CA HIS B 14 -24.90 37.64 14.97
C HIS B 14 -23.95 38.71 14.42
N PRO B 15 -24.51 39.80 13.94
CA PRO B 15 -23.70 40.93 13.50
C PRO B 15 -22.67 41.27 14.57
N ALA B 16 -21.45 41.59 14.18
CA ALA B 16 -20.36 41.85 15.12
C ALA B 16 -20.49 43.24 15.73
N GLU B 17 -20.32 43.32 17.03
CA GLU B 17 -20.43 44.54 17.80
C GLU B 17 -19.30 44.46 18.83
N ASN B 18 -18.31 45.32 18.62
CA ASN B 18 -17.16 45.27 19.55
C ASN B 18 -17.69 45.39 20.97
N GLY B 19 -17.29 44.47 21.83
CA GLY B 19 -17.72 44.43 23.21
C GLY B 19 -18.76 43.35 23.48
N LYS B 20 -19.64 43.09 22.51
CA LYS B 20 -20.67 42.09 22.71
C LYS B 20 -20.27 40.69 22.30
N SER B 21 -20.49 39.71 23.15
CA SER B 21 -20.16 38.32 22.90
C SER B 21 -21.03 37.76 21.76
N ASN B 22 -20.45 36.81 21.05
CA ASN B 22 -20.96 36.14 19.89
C ASN B 22 -20.36 34.76 19.72
N PHE B 23 -20.56 34.15 18.57
CA PHE B 23 -19.98 32.89 18.20
C PHE B 23 -19.25 33.04 16.85
N LEU B 24 -17.96 32.73 16.83
CA LEU B 24 -17.23 32.73 15.58
C LEU B 24 -17.44 31.39 14.88
N ASN B 25 -17.89 31.43 13.63
CA ASN B 25 -18.15 30.19 12.93
C ASN B 25 -17.21 30.02 11.74
N CYS B 26 -17.01 28.75 11.38
CA CYS B 26 -16.26 28.36 10.21
C CYS B 26 -17.03 27.22 9.53
N TYR B 27 -17.72 27.53 8.44
CA TYR B 27 -18.49 26.50 7.77
C TYR B 27 -17.69 25.81 6.69
N VAL B 28 -17.52 24.50 6.72
CA VAL B 28 -16.77 23.84 5.64
C VAL B 28 -17.74 22.92 4.92
N SER B 29 -17.82 23.01 3.59
CA SER B 29 -18.80 22.22 2.85
C SER B 29 -18.28 21.80 1.48
N GLY B 30 -19.03 20.85 0.93
CA GLY B 30 -18.77 20.22 -0.34
C GLY B 30 -17.48 19.46 -0.51
N PHE B 31 -16.87 18.90 0.52
CA PHE B 31 -15.64 18.15 0.39
C PHE B 31 -15.83 16.64 0.51
N HIS B 32 -14.80 15.92 0.07
CA HIS B 32 -14.73 14.47 0.10
C HIS B 32 -13.29 14.09 -0.18
N PRO B 33 -12.73 13.17 0.60
CA PRO B 33 -13.41 12.50 1.69
C PRO B 33 -13.62 13.34 2.93
N SER B 34 -14.17 12.80 4.00
CA SER B 34 -14.50 13.48 5.24
C SER B 34 -13.34 13.75 6.19
N ASP B 35 -12.13 13.34 5.91
CA ASP B 35 -11.00 13.63 6.81
C ASP B 35 -10.60 15.09 6.60
N ILE B 36 -10.79 15.96 7.57
CA ILE B 36 -10.47 17.36 7.40
C ILE B 36 -9.96 18.01 8.66
N GLU B 37 -8.97 18.88 8.60
CA GLU B 37 -8.49 19.59 9.79
C GLU B 37 -9.01 21.01 9.81
N VAL B 38 -9.78 21.36 10.82
CA VAL B 38 -10.39 22.69 10.92
C VAL B 38 -10.09 23.35 12.27
N ASP B 39 -9.57 24.55 12.25
CA ASP B 39 -9.23 25.37 13.38
C ASP B 39 -9.62 26.84 13.16
N LEU B 40 -9.91 27.51 14.27
CA LEU B 40 -10.23 28.92 14.37
C LEU B 40 -9.07 29.61 15.08
N LEU B 41 -8.61 30.75 14.54
CA LEU B 41 -7.48 31.42 15.15
C LEU B 41 -7.88 32.81 15.63
N LYS B 42 -7.07 33.32 16.54
CA LYS B 42 -7.24 34.62 17.14
C LYS B 42 -5.86 35.27 17.07
N ASN B 43 -5.63 36.22 16.18
CA ASN B 43 -4.31 36.82 16.05
C ASN B 43 -3.26 35.77 15.75
N GLY B 44 -3.58 34.85 14.84
CA GLY B 44 -2.74 33.75 14.42
C GLY B 44 -2.77 32.55 15.34
N GLU B 45 -3.22 32.71 16.58
CA GLU B 45 -3.20 31.67 17.57
C GLU B 45 -4.40 30.76 17.49
N ARG B 46 -4.22 29.46 17.68
CA ARG B 46 -5.34 28.53 17.60
C ARG B 46 -6.32 28.63 18.75
N ILE B 47 -7.61 28.73 18.45
CA ILE B 47 -8.61 28.82 19.51
C ILE B 47 -8.92 27.42 20.01
N GLU B 48 -8.48 27.11 21.23
CA GLU B 48 -8.63 25.80 21.84
C GLU B 48 -10.03 25.31 22.12
N LYS B 49 -10.88 26.11 22.73
CA LYS B 49 -12.24 25.67 23.02
C LYS B 49 -13.11 25.70 21.79
N VAL B 50 -12.88 24.86 20.78
CA VAL B 50 -13.71 24.93 19.58
C VAL B 50 -14.51 23.64 19.43
N GLU B 51 -15.78 23.75 19.06
CA GLU B 51 -16.65 22.61 18.90
C GLU B 51 -17.00 22.42 17.44
N HIS B 52 -17.69 21.32 17.14
CA HIS B 52 -18.08 21.17 15.74
C HIS B 52 -19.35 20.33 15.67
N SER B 53 -20.11 20.55 14.59
CA SER B 53 -21.37 19.85 14.40
C SER B 53 -21.10 18.38 14.09
N ASP B 54 -22.16 17.58 14.05
CA ASP B 54 -21.93 16.15 13.77
C ASP B 54 -21.84 16.04 12.26
N LEU B 55 -20.98 15.17 11.76
CA LEU B 55 -20.76 14.98 10.36
C LEU B 55 -22.01 14.58 9.60
N SER B 56 -22.36 15.31 8.57
CA SER B 56 -23.49 15.01 7.70
C SER B 56 -23.08 15.19 6.25
N PHE B 57 -23.95 15.01 5.25
CA PHE B 57 -23.59 15.25 3.85
C PHE B 57 -24.81 15.72 3.05
N SER B 58 -24.53 16.29 1.88
CA SER B 58 -25.53 16.84 0.97
C SER B 58 -26.08 15.85 -0.04
N LYS B 59 -26.94 16.30 -0.95
CA LYS B 59 -27.51 15.42 -1.98
C LYS B 59 -26.45 14.72 -2.81
N ASP B 60 -25.42 15.43 -3.20
CA ASP B 60 -24.32 14.95 -4.00
C ASP B 60 -23.29 14.17 -3.22
N TRP B 61 -23.48 13.86 -1.95
CA TRP B 61 -22.62 13.07 -1.10
C TRP B 61 -21.47 13.84 -0.47
N SER B 62 -21.31 15.12 -0.71
CA SER B 62 -20.16 15.80 -0.13
C SER B 62 -20.45 16.20 1.31
N PHE B 63 -19.42 16.33 2.14
CA PHE B 63 -19.66 16.62 3.55
C PHE B 63 -19.65 18.11 3.87
N TYR B 64 -20.30 18.42 4.99
CA TYR B 64 -20.34 19.77 5.53
C TYR B 64 -20.24 19.66 7.06
N LEU B 65 -19.58 20.62 7.68
CA LEU B 65 -19.45 20.65 9.13
C LEU B 65 -19.50 22.08 9.63
N LEU B 66 -19.83 22.31 10.89
CA LEU B 66 -19.77 23.65 11.45
C LEU B 66 -18.77 23.69 12.61
N TYR B 67 -17.74 24.54 12.49
CA TYR B 67 -16.87 24.72 13.65
C TYR B 67 -17.33 26.03 14.28
N TYR B 68 -17.27 26.13 15.61
CA TYR B 68 -17.75 27.33 16.28
C TYR B 68 -17.11 27.49 17.64
N THR B 69 -17.10 28.75 18.11
CA THR B 69 -16.49 29.09 19.39
C THR B 69 -17.08 30.38 19.90
N GLU B 70 -17.19 30.54 21.22
CA GLU B 70 -17.77 31.77 21.78
C GLU B 70 -16.72 32.88 21.66
N PHE B 71 -17.14 34.08 21.26
CA PHE B 71 -16.12 35.13 21.18
C PHE B 71 -16.72 36.53 21.31
N THR B 72 -15.86 37.43 21.78
CA THR B 72 -16.21 38.82 21.94
C THR B 72 -15.39 39.68 20.96
N PRO B 73 -16.00 39.97 19.81
CA PRO B 73 -15.33 40.78 18.81
C PRO B 73 -14.85 42.09 19.40
N THR B 74 -13.70 42.49 18.85
CA THR B 74 -13.02 43.71 19.31
C THR B 74 -12.56 44.49 18.08
N GLU B 75 -12.31 45.80 18.23
CA GLU B 75 -11.86 46.52 17.06
C GLU B 75 -10.57 45.89 16.53
N LYS B 76 -9.61 45.70 17.42
CA LYS B 76 -8.30 45.22 17.10
C LYS B 76 -8.10 43.78 16.63
N ASP B 77 -8.61 42.80 17.35
CA ASP B 77 -8.42 41.40 17.14
C ASP B 77 -8.76 40.90 15.75
N GLU B 78 -7.89 40.00 15.27
CA GLU B 78 -8.08 39.37 13.98
C GLU B 78 -8.37 37.88 14.15
N TYR B 79 -9.42 37.40 13.55
CA TYR B 79 -9.81 36.01 13.55
C TYR B 79 -9.70 35.46 12.12
N ALA B 80 -9.43 34.17 12.03
CA ALA B 80 -9.35 33.43 10.80
C ALA B 80 -9.73 31.95 11.00
N CYS B 81 -9.91 31.28 9.86
CA CYS B 81 -10.17 29.87 9.86
C CYS B 81 -9.06 29.14 9.08
N ARG B 82 -8.42 28.16 9.70
CA ARG B 82 -7.41 27.41 8.99
C ARG B 82 -7.90 26.00 8.66
N VAL B 83 -7.90 25.67 7.37
CA VAL B 83 -8.42 24.38 6.95
C VAL B 83 -7.44 23.52 6.18
N ASN B 84 -7.41 22.24 6.57
CA ASN B 84 -6.55 21.32 5.80
C ASN B 84 -7.33 20.11 5.33
N HIS B 85 -7.09 19.69 4.11
CA HIS B 85 -7.78 18.54 3.48
C HIS B 85 -6.89 17.98 2.38
N VAL B 86 -7.04 16.72 1.98
CA VAL B 86 -6.21 16.13 0.94
C VAL B 86 -6.11 17.00 -0.32
N THR B 87 -7.22 17.59 -0.75
CA THR B 87 -7.28 18.42 -1.92
C THR B 87 -6.49 19.71 -1.85
N LEU B 88 -5.90 20.09 -0.74
CA LEU B 88 -5.13 21.28 -0.55
C LEU B 88 -3.64 20.99 -0.36
N SER B 89 -2.79 21.65 -1.13
CA SER B 89 -1.34 21.50 -1.01
C SER B 89 -0.93 21.95 0.38
N GLN B 90 -1.45 23.08 0.84
CA GLN B 90 -1.14 23.51 2.21
C GLN B 90 -2.37 24.13 2.86
N PRO B 91 -2.36 24.27 4.17
CA PRO B 91 -3.50 24.81 4.90
C PRO B 91 -3.98 26.11 4.29
N LYS B 92 -5.25 26.18 3.92
CA LYS B 92 -5.84 27.41 3.38
C LYS B 92 -6.21 28.24 4.60
N ILE B 93 -6.03 29.55 4.54
CA ILE B 93 -6.34 30.40 5.69
C ILE B 93 -7.29 31.50 5.19
N VAL B 94 -8.43 31.61 5.87
CA VAL B 94 -9.46 32.57 5.50
C VAL B 94 -9.73 33.51 6.68
N LYS B 95 -9.58 34.82 6.49
CA LYS B 95 -9.73 35.78 7.56
C LYS B 95 -11.17 36.25 7.74
N TRP B 96 -11.56 36.42 8.99
CA TRP B 96 -12.89 36.94 9.27
C TRP B 96 -12.94 38.38 8.77
N ASP B 97 -14.08 38.74 8.24
CA ASP B 97 -14.48 40.05 7.73
C ASP B 97 -15.87 40.26 8.27
N ARG B 98 -16.09 41.09 9.25
CA ARG B 98 -17.39 41.36 9.83
C ARG B 98 -18.48 41.42 8.76
N ASP B 99 -18.19 42.13 7.67
CA ASP B 99 -19.18 42.16 6.61
C ASP B 99 -19.23 40.81 5.89
N MET B 100 -18.18 40.02 5.72
CA MET B 100 -18.35 38.82 4.91
C MET B 100 -19.08 37.73 5.71
N PHE C 1 -37.13 8.23 13.86
CA PHE C 1 -37.33 6.78 14.12
C PHE C 1 -36.61 5.93 13.08
N LEU C 2 -35.54 5.26 13.45
CA LEU C 2 -34.79 4.43 12.55
C LEU C 2 -35.55 3.19 12.04
N LYS C 3 -35.13 2.77 10.86
CA LYS C 3 -35.66 1.61 10.20
C LYS C 3 -34.91 0.36 10.63
N GLU C 4 -35.67 -0.73 10.62
CA GLU C 4 -35.16 -2.04 11.02
C GLU C 4 -35.95 -3.12 10.28
N PRO C 5 -35.36 -4.25 9.80
CA PRO C 5 -33.92 -4.52 9.76
C PRO C 5 -33.24 -3.83 8.58
N VAL C 6 -31.93 -3.90 8.55
CA VAL C 6 -31.07 -3.30 7.54
C VAL C 6 -30.21 -4.36 6.88
N HIS C 7 -30.32 -4.52 5.57
CA HIS C 7 -29.54 -5.58 4.92
C HIS C 7 -28.26 -5.03 4.33
N GLY C 8 -27.19 -5.82 4.42
CA GLY C 8 -25.90 -5.45 3.89
C GLY C 8 -25.93 -5.58 2.36
N VAL C 9 -24.92 -5.01 1.72
CA VAL C 9 -24.74 -5.02 0.29
C VAL C 9 -24.23 -6.34 -0.25
N GLY D 1 46.61 -15.84 -2.69
CA GLY D 1 45.35 -16.55 -2.41
C GLY D 1 45.26 -17.98 -2.93
N SER D 2 44.23 -18.68 -2.44
CA SER D 2 43.86 -20.02 -2.82
C SER D 2 42.82 -20.00 -3.92
N HIS D 3 42.92 -20.87 -4.91
CA HIS D 3 41.99 -20.83 -6.04
C HIS D 3 41.25 -22.12 -6.28
N SER D 4 40.09 -22.00 -6.91
CA SER D 4 39.27 -23.17 -7.16
C SER D 4 38.60 -23.13 -8.53
N MET D 5 38.42 -24.33 -9.09
CA MET D 5 37.68 -24.46 -10.34
C MET D 5 36.55 -25.45 -10.01
N ARG D 6 35.28 -25.17 -10.22
CA ARG D 6 34.26 -26.14 -9.89
C ARG D 6 33.16 -26.27 -10.94
N TYR D 7 32.66 -27.52 -11.11
CA TYR D 7 31.53 -27.71 -12.03
C TYR D 7 30.28 -28.06 -11.21
N PHE D 8 29.17 -27.50 -11.59
CA PHE D 8 27.86 -27.74 -10.96
C PHE D 8 26.86 -28.27 -12.00
N PHE D 9 26.40 -29.47 -11.76
CA PHE D 9 25.47 -30.12 -12.69
C PHE D 9 24.14 -30.37 -12.00
N THR D 10 23.04 -30.14 -12.68
CA THR D 10 21.71 -30.32 -12.14
C THR D 10 20.85 -30.96 -13.22
N SER D 11 20.29 -32.11 -12.87
CA SER D 11 19.45 -32.84 -13.79
C SER D 11 18.10 -33.07 -13.13
N VAL D 12 17.01 -32.67 -13.75
CA VAL D 12 15.68 -32.72 -13.18
C VAL D 12 14.72 -33.38 -14.16
N SER D 13 14.05 -34.47 -13.80
CA SER D 13 13.17 -35.17 -14.73
C SER D 13 11.82 -34.50 -14.80
N ARG D 14 11.17 -34.61 -15.95
CA ARG D 14 9.89 -33.99 -16.20
C ARG D 14 8.90 -35.00 -16.79
N PRO D 15 8.35 -35.83 -15.91
CA PRO D 15 7.37 -36.82 -16.30
C PRO D 15 6.31 -36.27 -17.24
N GLY D 16 6.32 -36.82 -18.45
CA GLY D 16 5.44 -36.51 -19.53
C GLY D 16 5.63 -35.16 -20.18
N ARG D 17 6.66 -34.40 -19.81
CA ARG D 17 6.87 -33.08 -20.37
C ARG D 17 8.16 -33.04 -21.19
N GLY D 18 8.65 -34.23 -21.59
CA GLY D 18 9.85 -34.29 -22.41
C GLY D 18 11.11 -34.70 -21.69
N GLU D 19 12.25 -34.65 -22.37
CA GLU D 19 13.55 -34.99 -21.80
C GLU D 19 13.80 -34.23 -20.49
N PRO D 20 14.66 -34.81 -19.67
CA PRO D 20 15.02 -34.20 -18.40
C PRO D 20 15.72 -32.87 -18.64
N ARG D 21 15.71 -32.01 -17.65
CA ARG D 21 16.40 -30.74 -17.73
C ARG D 21 17.86 -30.92 -17.35
N PHE D 22 18.79 -30.28 -18.02
CA PHE D 22 20.20 -30.44 -17.64
C PHE D 22 20.87 -29.08 -17.63
N ILE D 23 21.22 -28.56 -16.45
CA ILE D 23 21.93 -27.29 -16.36
C ILE D 23 23.35 -27.58 -15.89
N ALA D 24 24.32 -26.93 -16.48
CA ALA D 24 25.71 -27.08 -16.06
C ALA D 24 26.28 -25.68 -15.94
N VAL D 25 26.96 -25.38 -14.85
CA VAL D 25 27.63 -24.08 -14.74
C VAL D 25 29.07 -24.40 -14.32
N GLY D 26 29.97 -23.47 -14.57
CA GLY D 26 31.35 -23.67 -14.18
C GLY D 26 31.89 -22.39 -13.57
N TYR D 27 32.55 -22.52 -12.43
CA TYR D 27 33.16 -21.40 -11.74
C TYR D 27 34.67 -21.55 -11.54
N VAL D 28 35.29 -20.40 -11.39
CA VAL D 28 36.68 -20.20 -11.06
C VAL D 28 36.58 -19.27 -9.83
N ASP D 29 36.68 -19.83 -8.63
CA ASP D 29 36.48 -18.98 -7.44
C ASP D 29 35.06 -18.45 -7.49
N ASP D 30 34.82 -17.17 -7.25
CA ASP D 30 33.48 -16.60 -7.25
C ASP D 30 33.00 -16.12 -8.61
N THR D 31 33.69 -16.45 -9.69
CA THR D 31 33.30 -16.04 -11.03
C THR D 31 32.81 -17.22 -11.85
N GLN D 32 31.64 -17.11 -12.45
CA GLN D 32 31.10 -18.10 -13.35
C GLN D 32 31.66 -17.82 -14.74
N PHE D 33 32.23 -18.83 -15.40
CA PHE D 33 32.77 -18.60 -16.73
C PHE D 33 31.99 -19.25 -17.84
N VAL D 34 31.24 -20.34 -17.63
CA VAL D 34 30.53 -20.98 -18.73
C VAL D 34 29.19 -21.56 -18.30
N ARG D 35 28.29 -21.84 -19.23
CA ARG D 35 27.09 -22.59 -18.91
C ARG D 35 26.65 -23.47 -20.08
N PHE D 36 25.80 -24.43 -19.76
CA PHE D 36 25.10 -25.32 -20.66
C PHE D 36 23.70 -25.48 -20.03
N ASP D 37 22.69 -25.35 -20.86
CA ASP D 37 21.29 -25.45 -20.49
C ASP D 37 20.58 -26.26 -21.57
N SER D 38 20.02 -27.40 -21.18
CA SER D 38 19.40 -28.35 -22.08
C SER D 38 18.22 -27.80 -22.85
N ASP D 39 17.67 -26.66 -22.46
CA ASP D 39 16.56 -25.99 -23.09
C ASP D 39 17.04 -24.77 -23.86
N ALA D 40 18.35 -24.51 -23.89
CA ALA D 40 18.80 -23.31 -24.62
C ALA D 40 18.78 -23.65 -26.11
N ALA D 41 18.77 -22.60 -26.92
CA ALA D 41 18.68 -22.79 -28.36
C ALA D 41 19.97 -23.28 -28.98
N SER D 42 21.10 -22.64 -28.67
CA SER D 42 22.40 -22.97 -29.18
C SER D 42 22.68 -24.46 -29.12
N GLN D 43 22.60 -25.01 -27.92
CA GLN D 43 22.86 -26.43 -27.67
C GLN D 43 24.36 -26.63 -27.55
N ARG D 44 25.02 -25.56 -27.08
CA ARG D 44 26.46 -25.58 -26.93
C ARG D 44 26.85 -24.97 -25.57
N MET D 45 28.11 -25.14 -25.19
CA MET D 45 28.65 -24.57 -23.98
C MET D 45 28.82 -23.07 -24.30
N GLU D 46 28.26 -22.18 -23.51
CA GLU D 46 28.37 -20.75 -23.75
C GLU D 46 29.26 -20.09 -22.72
N PRO D 47 29.89 -18.99 -23.10
CA PRO D 47 30.78 -18.24 -22.22
C PRO D 47 29.93 -17.32 -21.36
N ARG D 48 30.28 -17.15 -20.10
CA ARG D 48 29.58 -16.30 -19.14
C ARG D 48 30.57 -15.34 -18.50
N ALA D 49 31.82 -15.43 -18.93
CA ALA D 49 32.86 -14.48 -18.55
C ALA D 49 33.58 -13.98 -19.80
N PRO D 50 33.89 -12.69 -19.83
CA PRO D 50 34.64 -12.11 -20.92
C PRO D 50 35.96 -12.79 -21.17
N TRP D 51 36.72 -13.26 -20.20
CA TRP D 51 38.01 -13.86 -20.45
C TRP D 51 37.99 -15.27 -20.99
N ILE D 52 36.84 -15.89 -21.18
CA ILE D 52 36.85 -17.26 -21.73
C ILE D 52 36.44 -17.17 -23.19
N GLU D 53 35.83 -16.02 -23.54
CA GLU D 53 35.37 -15.70 -24.88
C GLU D 53 36.51 -15.74 -25.88
N GLN D 54 37.73 -15.55 -25.40
CA GLN D 54 38.95 -15.67 -26.15
C GLN D 54 39.25 -17.10 -26.54
N GLU D 55 38.71 -18.12 -25.89
CA GLU D 55 39.02 -19.50 -26.28
C GLU D 55 38.63 -19.76 -27.73
N GLY D 56 39.49 -20.51 -28.40
CA GLY D 56 39.25 -20.85 -29.80
C GLY D 56 38.07 -21.79 -29.98
N PRO D 57 37.67 -21.98 -31.23
CA PRO D 57 36.63 -22.91 -31.60
C PRO D 57 36.82 -24.34 -31.14
N GLU D 58 38.02 -24.88 -31.04
CA GLU D 58 38.22 -26.25 -30.62
C GLU D 58 37.79 -26.45 -29.17
N TYR D 59 38.16 -25.55 -28.28
CA TYR D 59 37.78 -25.56 -26.87
C TYR D 59 36.28 -25.66 -26.68
N TRP D 60 35.54 -24.74 -27.29
CA TRP D 60 34.10 -24.72 -27.25
C TRP D 60 33.54 -26.00 -27.83
N ASP D 61 34.19 -26.49 -28.87
CA ASP D 61 33.78 -27.72 -29.53
C ASP D 61 33.92 -28.86 -28.57
N GLY D 62 35.09 -29.04 -27.99
CA GLY D 62 35.33 -30.07 -27.02
C GLY D 62 34.56 -29.96 -25.73
N GLU D 63 34.28 -28.75 -25.24
CA GLU D 63 33.55 -28.59 -23.98
C GLU D 63 32.07 -28.84 -24.24
N THR D 64 31.59 -28.54 -25.44
CA THR D 64 30.21 -28.78 -25.82
C THR D 64 30.01 -30.28 -25.99
N ARG D 65 31.02 -30.99 -26.43
CA ARG D 65 31.02 -32.45 -26.62
C ARG D 65 30.89 -33.14 -25.26
N LYS D 66 31.79 -32.75 -24.37
CA LYS D 66 31.84 -33.25 -23.02
C LYS D 66 30.58 -32.92 -22.23
N VAL D 67 30.11 -31.70 -22.35
CA VAL D 67 28.95 -31.22 -21.60
C VAL D 67 27.68 -32.00 -21.91
N LYS D 68 27.41 -32.36 -23.16
CA LYS D 68 26.23 -33.13 -23.46
C LYS D 68 26.48 -34.61 -23.20
N ALA D 69 27.75 -35.02 -23.14
CA ALA D 69 28.12 -36.38 -22.75
C ALA D 69 27.60 -36.53 -21.30
N HIS D 70 28.02 -35.63 -20.42
CA HIS D 70 27.52 -35.52 -19.06
C HIS D 70 25.99 -35.53 -18.97
N SER D 71 25.40 -34.65 -19.77
CA SER D 71 23.96 -34.55 -19.87
C SER D 71 23.35 -35.94 -20.07
N GLN D 72 23.78 -36.67 -21.10
CA GLN D 72 23.26 -38.00 -21.36
C GLN D 72 23.45 -38.92 -20.15
N THR D 73 24.67 -38.96 -19.63
CA THR D 73 24.91 -39.73 -18.41
C THR D 73 23.87 -39.38 -17.36
N HIS D 74 23.54 -38.11 -17.15
CA HIS D 74 22.51 -37.74 -16.19
C HIS D 74 21.11 -38.05 -16.66
N ARG D 75 20.81 -38.32 -17.92
CA ARG D 75 19.46 -38.68 -18.36
C ARG D 75 19.24 -40.17 -18.03
N VAL D 76 20.34 -40.92 -18.09
CA VAL D 76 20.34 -42.33 -17.78
C VAL D 76 20.33 -42.52 -16.27
N ASP D 77 21.03 -41.61 -15.58
CA ASP D 77 21.09 -41.64 -14.12
C ASP D 77 19.70 -41.50 -13.52
N LEU D 78 18.90 -40.58 -14.04
CA LEU D 78 17.56 -40.42 -13.49
C LEU D 78 16.80 -41.74 -13.49
N GLY D 79 16.91 -42.53 -14.55
CA GLY D 79 16.29 -43.81 -14.68
C GLY D 79 16.81 -44.94 -13.82
N THR D 80 18.09 -45.02 -13.54
CA THR D 80 18.71 -46.06 -12.74
C THR D 80 18.32 -45.86 -11.28
N LEU D 81 18.46 -44.64 -10.74
CA LEU D 81 18.12 -44.32 -9.37
C LEU D 81 16.64 -44.65 -9.12
N ARG D 82 15.81 -44.39 -10.12
CA ARG D 82 14.38 -44.65 -10.10
C ARG D 82 14.16 -46.15 -9.89
N GLY D 83 14.91 -46.94 -10.67
CA GLY D 83 14.84 -48.38 -10.51
C GLY D 83 15.43 -48.80 -9.18
N TYR D 84 16.56 -48.25 -8.77
CA TYR D 84 17.21 -48.55 -7.52
C TYR D 84 16.28 -48.25 -6.32
N TYR D 85 15.62 -47.10 -6.37
CA TYR D 85 14.78 -46.76 -5.23
C TYR D 85 13.35 -47.19 -5.45
N ASN D 86 13.14 -47.89 -6.58
CA ASN D 86 11.81 -48.42 -6.84
C ASN D 86 10.80 -47.29 -6.80
N GLN D 87 11.07 -46.22 -7.55
CA GLN D 87 10.23 -45.04 -7.61
C GLN D 87 9.28 -45.02 -8.78
N SER D 88 8.10 -44.42 -8.54
CA SER D 88 7.11 -44.34 -9.63
C SER D 88 7.73 -43.66 -10.82
N GLU D 89 7.15 -43.78 -12.01
CA GLU D 89 7.79 -43.04 -13.14
C GLU D 89 7.03 -41.73 -13.37
N ALA D 90 6.06 -41.51 -12.49
CA ALA D 90 5.25 -40.32 -12.59
C ALA D 90 5.91 -39.11 -11.97
N GLY D 91 6.76 -39.21 -10.97
CA GLY D 91 7.24 -38.04 -10.27
C GLY D 91 8.63 -37.57 -10.60
N SER D 92 8.78 -36.25 -10.60
CA SER D 92 10.06 -35.62 -10.90
C SER D 92 11.10 -35.90 -9.84
N HIS D 93 12.33 -36.18 -10.27
CA HIS D 93 13.43 -36.39 -9.35
C HIS D 93 14.58 -35.46 -9.73
N THR D 94 15.46 -35.17 -8.76
CA THR D 94 16.59 -34.29 -9.02
C THR D 94 17.91 -35.01 -8.71
N VAL D 95 18.85 -34.91 -9.64
CA VAL D 95 20.19 -35.44 -9.47
C VAL D 95 21.13 -34.22 -9.41
N GLN D 96 22.18 -34.22 -8.63
CA GLN D 96 23.08 -33.07 -8.59
C GLN D 96 24.50 -33.64 -8.45
N ARG D 97 25.42 -33.07 -9.22
CA ARG D 97 26.80 -33.49 -9.20
C ARG D 97 27.69 -32.25 -9.12
N MET D 98 28.77 -32.35 -8.38
CA MET D 98 29.75 -31.31 -8.24
C MET D 98 31.16 -31.88 -8.13
N TYR D 99 32.04 -31.35 -8.98
CA TYR D 99 33.44 -31.74 -8.97
C TYR D 99 34.33 -30.53 -9.26
N GLY D 100 35.58 -30.66 -8.83
CA GLY D 100 36.55 -29.61 -9.01
C GLY D 100 37.81 -29.88 -8.20
N CYS D 101 38.68 -28.89 -8.20
CA CYS D 101 39.94 -28.94 -7.49
C CYS D 101 40.33 -27.60 -6.91
N ASP D 102 40.95 -27.67 -5.74
CA ASP D 102 41.45 -26.50 -5.03
C ASP D 102 42.98 -26.46 -5.09
N VAL D 103 43.53 -25.26 -5.24
CA VAL D 103 44.95 -25.01 -5.26
C VAL D 103 45.28 -23.97 -4.17
N GLY D 104 46.46 -24.10 -3.59
CA GLY D 104 46.92 -23.18 -2.56
C GLY D 104 47.46 -21.89 -3.16
N SER D 105 48.09 -21.09 -2.29
CA SER D 105 48.70 -19.82 -2.60
C SER D 105 49.88 -20.03 -3.56
N ASP D 106 50.45 -21.22 -3.55
CA ASP D 106 51.53 -21.57 -4.48
C ASP D 106 51.02 -22.12 -5.80
N TRP D 107 49.72 -22.22 -6.05
CA TRP D 107 49.11 -22.70 -7.27
C TRP D 107 49.30 -24.17 -7.54
N ARG D 108 49.65 -24.98 -6.54
CA ARG D 108 49.76 -26.43 -6.73
C ARG D 108 48.51 -27.03 -6.09
N PHE D 109 48.21 -28.25 -6.40
CA PHE D 109 47.08 -29.02 -5.93
C PHE D 109 46.88 -29.10 -4.42
N LEU D 110 45.71 -28.80 -3.92
CA LEU D 110 45.39 -28.83 -2.49
C LEU D 110 44.33 -29.88 -2.20
N ARG D 111 43.25 -29.90 -2.97
CA ARG D 111 42.29 -31.01 -2.80
C ARG D 111 41.40 -31.11 -4.04
N GLY D 112 40.77 -32.27 -4.20
CA GLY D 112 39.99 -32.63 -5.38
C GLY D 112 38.72 -33.32 -4.92
N TYR D 113 37.58 -33.04 -5.57
CA TYR D 113 36.29 -33.53 -5.06
C TYR D 113 35.32 -33.87 -6.17
N HIS D 114 34.47 -34.83 -5.84
CA HIS D 114 33.49 -35.38 -6.77
C HIS D 114 32.33 -35.87 -5.92
N GLN D 115 31.27 -35.09 -5.86
CA GLN D 115 30.07 -35.33 -5.09
C GLN D 115 28.83 -35.46 -5.94
N TYR D 116 27.89 -36.26 -5.45
CA TYR D 116 26.69 -36.62 -6.19
C TYR D 116 25.54 -36.75 -5.23
N ALA D 117 24.40 -36.20 -5.56
CA ALA D 117 23.23 -36.27 -4.68
C ALA D 117 21.98 -36.69 -5.47
N TYR D 118 21.04 -37.31 -4.75
CA TYR D 118 19.75 -37.66 -5.35
C TYR D 118 18.66 -37.02 -4.50
N ASP D 119 17.77 -36.27 -5.12
CA ASP D 119 16.72 -35.55 -4.41
C ASP D 119 17.22 -34.79 -3.19
N GLY D 120 18.26 -34.00 -3.31
CA GLY D 120 18.85 -33.17 -2.29
C GLY D 120 19.64 -33.88 -1.21
N LYS D 121 19.87 -35.18 -1.37
CA LYS D 121 20.58 -35.93 -0.34
C LYS D 121 21.86 -36.55 -0.84
N ASP D 122 22.92 -36.51 -0.04
CA ASP D 122 24.19 -37.14 -0.36
C ASP D 122 23.94 -38.57 -0.85
N TYR D 123 24.43 -38.85 -2.05
CA TYR D 123 24.32 -40.17 -2.64
C TYR D 123 25.67 -40.86 -2.60
N ILE D 124 26.65 -40.32 -3.32
CA ILE D 124 27.98 -40.92 -3.33
C ILE D 124 29.00 -39.81 -3.45
N ALA D 125 30.13 -39.99 -2.80
CA ALA D 125 31.15 -38.95 -2.87
C ALA D 125 32.54 -39.57 -2.77
N LEU D 126 33.49 -38.84 -3.37
CA LEU D 126 34.89 -39.23 -3.41
C LEU D 126 35.59 -38.64 -2.20
N LYS D 127 36.32 -39.49 -1.50
CA LYS D 127 36.99 -39.04 -0.28
C LYS D 127 38.12 -38.08 -0.66
N GLU D 128 38.68 -37.40 0.36
CA GLU D 128 39.81 -36.51 0.13
C GLU D 128 41.02 -37.24 -0.40
N ASP D 129 41.22 -38.53 -0.19
CA ASP D 129 42.36 -39.32 -0.62
C ASP D 129 42.27 -39.73 -2.07
N LEU D 130 41.18 -39.41 -2.73
CA LEU D 130 40.90 -39.72 -4.12
C LEU D 130 41.10 -41.17 -4.44
N ARG D 131 40.85 -42.10 -3.51
CA ARG D 131 41.04 -43.54 -3.68
C ARG D 131 39.92 -44.34 -3.05
N SER D 132 38.90 -43.68 -2.51
CA SER D 132 37.84 -44.40 -1.81
C SER D 132 36.56 -43.59 -1.90
N TRP D 133 35.43 -44.27 -1.79
CA TRP D 133 34.12 -43.66 -1.89
C TRP D 133 33.27 -43.71 -0.64
N THR D 134 32.44 -42.69 -0.42
CA THR D 134 31.49 -42.66 0.67
C THR D 134 30.13 -42.99 0.08
N ALA D 135 29.61 -44.18 0.26
CA ALA D 135 28.27 -44.58 -0.20
C ALA D 135 27.31 -44.28 0.95
N ALA D 136 26.13 -43.76 0.66
CA ALA D 136 25.20 -43.34 1.71
C ALA D 136 24.25 -44.48 2.07
N ASP D 137 23.60 -44.98 1.04
CA ASP D 137 22.68 -46.09 1.30
C ASP D 137 23.12 -47.22 0.38
N MET D 138 22.38 -48.30 0.36
CA MET D 138 22.66 -49.47 -0.46
C MET D 138 22.62 -49.19 -1.94
N ALA D 139 21.74 -48.27 -2.36
CA ALA D 139 21.67 -47.93 -3.79
C ALA D 139 22.99 -47.30 -4.19
N ALA D 140 23.49 -46.41 -3.34
CA ALA D 140 24.76 -45.74 -3.51
C ALA D 140 25.94 -46.72 -3.46
N GLN D 141 25.70 -47.84 -2.80
CA GLN D 141 26.66 -48.90 -2.59
C GLN D 141 26.83 -49.79 -3.83
N THR D 142 25.73 -49.87 -4.57
CA THR D 142 25.73 -50.57 -5.85
C THR D 142 26.45 -49.68 -6.85
N THR D 143 26.29 -48.36 -6.73
CA THR D 143 27.01 -47.45 -7.60
C THR D 143 28.49 -47.49 -7.25
N LYS D 144 28.79 -47.62 -5.96
CA LYS D 144 30.16 -47.64 -5.48
C LYS D 144 30.88 -48.85 -6.06
N HIS D 145 30.30 -50.04 -5.97
CA HIS D 145 30.88 -51.21 -6.58
C HIS D 145 31.16 -50.98 -8.06
N LYS D 146 30.15 -50.56 -8.81
CA LYS D 146 30.28 -50.24 -10.21
C LYS D 146 31.42 -49.27 -10.51
N TRP D 147 31.56 -48.19 -9.73
CA TRP D 147 32.66 -47.26 -9.96
C TRP D 147 34.00 -47.86 -9.55
N GLU D 148 33.95 -48.76 -8.58
CA GLU D 148 35.18 -49.45 -8.17
C GLU D 148 35.69 -50.37 -9.29
N ALA D 149 34.83 -51.20 -9.85
CA ALA D 149 35.19 -52.11 -10.92
C ALA D 149 35.65 -51.36 -12.18
N ALA D 150 34.96 -50.30 -12.58
CA ALA D 150 35.29 -49.47 -13.72
C ALA D 150 36.49 -48.56 -13.42
N HIS D 151 37.08 -48.66 -12.24
CA HIS D 151 38.20 -47.88 -11.81
C HIS D 151 38.01 -46.39 -12.07
N VAL D 152 36.96 -45.81 -11.51
CA VAL D 152 36.63 -44.42 -11.69
C VAL D 152 37.46 -43.49 -10.82
N ALA D 153 37.77 -43.85 -9.58
CA ALA D 153 38.51 -42.97 -8.70
C ALA D 153 39.87 -42.71 -9.34
N GLU D 154 40.52 -43.77 -9.83
CA GLU D 154 41.83 -43.59 -10.44
C GLU D 154 41.73 -42.58 -11.57
N GLN D 155 40.65 -42.67 -12.34
CA GLN D 155 40.46 -41.80 -13.48
C GLN D 155 40.20 -40.37 -13.05
N LEU D 156 39.41 -40.24 -12.00
CA LEU D 156 39.06 -38.93 -11.42
C LEU D 156 40.25 -38.31 -10.71
N ARG D 157 41.15 -39.09 -10.13
CA ARG D 157 42.32 -38.59 -9.43
C ARG D 157 43.26 -37.85 -10.37
N ALA D 158 43.41 -38.41 -11.56
CA ALA D 158 44.30 -37.88 -12.60
C ALA D 158 43.68 -36.57 -13.07
N TYR D 159 42.36 -36.53 -13.17
CA TYR D 159 41.68 -35.31 -13.54
C TYR D 159 41.90 -34.22 -12.50
N LEU D 160 41.37 -34.40 -11.31
CA LEU D 160 41.45 -33.37 -10.28
C LEU D 160 42.87 -32.99 -9.95
N GLU D 161 43.78 -33.94 -9.73
CA GLU D 161 45.17 -33.63 -9.47
C GLU D 161 45.93 -33.05 -10.65
N GLY D 162 45.53 -33.30 -11.90
CA GLY D 162 46.26 -32.84 -13.05
C GLY D 162 45.62 -31.83 -13.98
N THR D 163 44.82 -32.31 -14.95
CA THR D 163 44.20 -31.43 -15.94
C THR D 163 43.35 -30.35 -15.30
N CYS D 164 42.74 -30.61 -14.15
CA CYS D 164 41.95 -29.63 -13.43
C CYS D 164 42.82 -28.48 -12.95
N VAL D 165 43.89 -28.77 -12.22
CA VAL D 165 44.73 -27.72 -11.67
C VAL D 165 45.44 -27.00 -12.83
N GLU D 166 45.84 -27.74 -13.84
CA GLU D 166 46.45 -27.28 -15.06
C GLU D 166 45.64 -26.24 -15.83
N TRP D 167 44.35 -26.47 -15.99
CA TRP D 167 43.48 -25.54 -16.70
C TRP D 167 42.97 -24.44 -15.79
N LEU D 168 43.06 -24.67 -14.47
CA LEU D 168 42.68 -23.68 -13.48
C LEU D 168 43.68 -22.55 -13.63
N ARG D 169 44.95 -22.90 -13.55
CA ARG D 169 46.07 -22.02 -13.67
C ARG D 169 45.99 -21.17 -14.93
N ARG D 170 45.76 -21.86 -16.04
CA ARG D 170 45.58 -21.22 -17.34
C ARG D 170 44.49 -20.16 -17.32
N TYR D 171 43.36 -20.49 -16.70
CA TYR D 171 42.26 -19.56 -16.56
C TYR D 171 42.71 -18.35 -15.72
N LEU D 172 43.39 -18.69 -14.62
CA LEU D 172 43.94 -17.67 -13.74
C LEU D 172 44.75 -16.65 -14.50
N GLU D 173 45.74 -17.06 -15.29
CA GLU D 173 46.54 -16.09 -16.03
C GLU D 173 45.72 -15.47 -17.15
N ASN D 174 44.96 -16.29 -17.85
CA ASN D 174 44.14 -15.75 -18.94
C ASN D 174 43.18 -14.70 -18.44
N GLY D 175 42.60 -14.79 -17.28
CA GLY D 175 41.65 -13.81 -16.76
C GLY D 175 42.29 -13.08 -15.59
N LYS D 176 43.62 -12.91 -15.62
CA LYS D 176 44.28 -12.18 -14.56
C LYS D 176 43.57 -10.94 -14.06
N GLU D 177 43.00 -10.07 -14.89
CA GLU D 177 42.44 -8.82 -14.39
C GLU D 177 41.27 -8.96 -13.42
N THR D 178 40.43 -9.98 -13.59
CA THR D 178 39.25 -10.14 -12.78
C THR D 178 39.27 -11.40 -11.92
N LEU D 179 40.20 -12.31 -12.15
CA LEU D 179 40.27 -13.53 -11.32
C LEU D 179 41.31 -13.33 -10.23
N GLN D 180 42.45 -12.74 -10.61
CA GLN D 180 43.50 -12.40 -9.68
C GLN D 180 43.36 -11.04 -9.03
N ARG D 181 42.19 -10.43 -9.06
CA ARG D 181 42.00 -9.13 -8.42
C ARG D 181 41.18 -9.35 -7.13
N THR D 182 41.64 -8.86 -5.98
CA THR D 182 40.84 -9.01 -4.73
C THR D 182 40.18 -7.68 -4.37
N ASP D 183 38.95 -7.44 -4.78
CA ASP D 183 38.29 -6.12 -4.48
C ASP D 183 37.98 -5.96 -2.99
N ALA D 184 38.33 -4.80 -2.45
CA ALA D 184 38.03 -4.48 -1.04
C ALA D 184 36.59 -3.98 -0.94
N PRO D 185 36.00 -4.16 0.23
CA PRO D 185 34.65 -3.69 0.47
C PRO D 185 34.59 -2.17 0.68
N LYS D 186 33.57 -1.63 0.04
CA LYS D 186 33.13 -0.27 0.14
C LYS D 186 32.18 -0.34 1.35
N THR D 187 32.62 0.17 2.50
CA THR D 187 31.81 0.03 3.70
C THR D 187 31.11 1.31 4.07
N HIS D 188 30.03 1.29 4.84
CA HIS D 188 29.33 2.51 5.25
C HIS D 188 28.23 2.11 6.24
N MET D 189 27.76 3.03 7.09
CA MET D 189 26.80 2.73 8.15
C MET D 189 25.58 3.60 8.04
N THR D 190 24.42 3.09 8.41
CA THR D 190 23.16 3.80 8.40
C THR D 190 22.50 3.70 9.78
N HIS D 191 21.75 4.74 10.13
CA HIS D 191 21.04 4.84 11.41
C HIS D 191 19.57 5.08 11.15
N HIS D 192 18.66 4.24 11.61
CA HIS D 192 17.25 4.39 11.36
C HIS D 192 16.55 4.42 12.73
N ALA D 193 15.80 5.47 13.06
CA ALA D 193 15.11 5.47 14.36
C ALA D 193 13.96 4.48 14.32
N VAL D 194 13.87 3.49 15.20
CA VAL D 194 12.73 2.57 15.11
C VAL D 194 11.58 3.08 15.95
N SER D 195 11.83 3.43 17.19
CA SER D 195 10.92 3.99 18.16
C SER D 195 11.69 5.13 18.82
N ASP D 196 11.07 5.85 19.74
CA ASP D 196 11.75 6.92 20.46
C ASP D 196 12.88 6.41 21.36
N HIS D 197 12.85 5.15 21.82
CA HIS D 197 13.94 4.70 22.68
C HIS D 197 14.85 3.65 22.06
N GLU D 198 14.83 3.41 20.76
CA GLU D 198 15.66 2.38 20.13
C GLU D 198 16.03 2.81 18.70
N ALA D 199 17.02 2.15 18.12
CA ALA D 199 17.38 2.52 16.74
C ALA D 199 18.26 1.50 16.02
N THR D 200 17.98 1.33 14.72
CA THR D 200 18.75 0.37 13.94
C THR D 200 20.02 1.02 13.38
N LEU D 201 21.07 0.24 13.45
CA LEU D 201 22.41 0.59 13.01
C LEU D 201 22.79 -0.46 11.96
N ARG D 202 23.05 -0.02 10.73
CA ARG D 202 23.38 -0.94 9.68
C ARG D 202 24.76 -0.76 9.07
N CYS D 203 25.51 -1.85 9.12
CA CYS D 203 26.83 -1.90 8.55
C CYS D 203 26.80 -2.46 7.12
N TRP D 204 27.32 -1.69 6.20
CA TRP D 204 27.32 -2.09 4.81
C TRP D 204 28.70 -2.47 4.30
N ALA D 205 28.65 -3.53 3.48
CA ALA D 205 29.85 -4.01 2.78
C ALA D 205 29.48 -4.20 1.32
N LEU D 206 29.74 -3.22 0.46
CA LEU D 206 29.36 -3.31 -0.96
C LEU D 206 30.51 -3.44 -1.95
N SER D 207 30.16 -3.92 -3.13
CA SER D 207 30.99 -4.22 -4.28
C SER D 207 32.37 -4.79 -3.96
N PHE D 208 32.38 -5.99 -3.39
CA PHE D 208 33.60 -6.69 -3.04
C PHE D 208 33.67 -8.00 -3.83
N TYR D 209 34.89 -8.47 -4.01
CA TYR D 209 35.25 -9.69 -4.71
C TYR D 209 36.59 -10.09 -4.11
N PRO D 210 36.80 -11.32 -3.71
CA PRO D 210 35.81 -12.38 -3.76
C PRO D 210 34.70 -12.23 -2.74
N ALA D 211 33.78 -13.19 -2.67
CA ALA D 211 32.62 -13.17 -1.78
C ALA D 211 32.96 -13.28 -0.31
N GLU D 212 33.97 -14.05 0.06
CA GLU D 212 34.35 -14.25 1.44
C GLU D 212 34.41 -12.96 2.24
N ILE D 213 33.83 -12.94 3.45
CA ILE D 213 33.85 -11.70 4.23
C ILE D 213 33.38 -11.93 5.66
N THR D 214 33.93 -11.09 6.53
CA THR D 214 33.49 -11.20 7.93
C THR D 214 32.95 -9.83 8.31
N LEU D 215 31.65 -9.81 8.48
CA LEU D 215 30.95 -8.58 8.88
C LEU D 215 30.43 -8.81 10.29
N THR D 216 31.09 -8.21 11.28
CA THR D 216 30.75 -8.43 12.69
C THR D 216 30.37 -7.17 13.42
N TRP D 217 29.48 -7.29 14.41
CA TRP D 217 29.09 -6.16 15.26
C TRP D 217 29.57 -6.44 16.67
N GLN D 218 30.06 -5.39 17.32
CA GLN D 218 30.49 -5.60 18.72
C GLN D 218 30.14 -4.42 19.59
N ARG D 219 29.87 -4.69 20.89
CA ARG D 219 29.46 -3.66 21.84
C ARG D 219 30.46 -3.66 22.99
N ASP D 220 31.10 -2.53 23.20
CA ASP D 220 32.15 -2.38 24.19
C ASP D 220 33.28 -3.35 23.88
N GLY D 221 33.49 -3.69 22.62
CA GLY D 221 34.52 -4.63 22.22
C GLY D 221 34.01 -6.06 22.22
N GLU D 222 32.93 -6.40 22.91
CA GLU D 222 32.41 -7.76 22.86
C GLU D 222 31.36 -7.91 21.75
N ASP D 223 31.57 -8.96 20.97
CA ASP D 223 30.77 -9.37 19.84
C ASP D 223 29.31 -9.58 20.24
N GLN D 224 28.43 -9.22 19.32
CA GLN D 224 26.98 -9.31 19.53
C GLN D 224 26.41 -10.30 18.54
N THR D 225 27.05 -11.45 18.40
CA THR D 225 26.58 -12.47 17.47
C THR D 225 25.15 -12.87 17.77
N GLN D 226 24.73 -12.92 19.05
CA GLN D 226 23.34 -13.33 19.28
C GLN D 226 22.31 -12.30 18.88
N ASP D 227 22.61 -11.01 18.76
CA ASP D 227 21.55 -10.03 18.53
C ASP D 227 21.66 -9.16 17.29
N THR D 228 22.35 -9.73 16.32
CA THR D 228 22.58 -9.01 15.08
C THR D 228 21.93 -9.71 13.92
N GLU D 229 21.22 -8.95 13.10
CA GLU D 229 20.74 -9.56 11.88
C GLU D 229 21.90 -9.47 10.87
N LEU D 230 22.12 -10.59 10.20
CA LEU D 230 23.14 -10.75 9.18
C LEU D 230 22.53 -11.40 7.94
N VAL D 231 22.58 -10.74 6.80
CA VAL D 231 22.05 -11.28 5.56
C VAL D 231 23.12 -12.18 4.92
N GLU D 232 22.69 -13.09 4.06
CA GLU D 232 23.69 -13.94 3.41
C GLU D 232 24.31 -13.11 2.28
N THR D 233 25.58 -13.35 2.05
CA THR D 233 26.32 -12.63 0.99
C THR D 233 25.63 -12.88 -0.32
N ARG D 234 25.14 -11.83 -0.94
CA ARG D 234 24.34 -11.87 -2.14
C ARG D 234 25.03 -11.17 -3.30
N PRO D 235 24.88 -11.70 -4.50
CA PRO D 235 25.44 -11.14 -5.71
C PRO D 235 24.84 -9.81 -6.16
N ALA D 236 25.69 -8.90 -6.62
CA ALA D 236 25.26 -7.60 -7.10
C ALA D 236 24.96 -7.63 -8.59
N GLY D 237 25.29 -8.70 -9.29
CA GLY D 237 25.05 -8.81 -10.72
C GLY D 237 26.05 -8.04 -11.56
N ASP D 238 27.22 -7.70 -11.04
CA ASP D 238 28.20 -6.90 -11.77
C ASP D 238 29.57 -7.52 -11.53
N GLY D 239 29.56 -8.77 -11.06
CA GLY D 239 30.77 -9.47 -10.72
C GLY D 239 31.18 -9.26 -9.26
N THR D 240 30.43 -8.43 -8.53
CA THR D 240 30.76 -8.20 -7.14
C THR D 240 29.65 -8.63 -6.17
N PHE D 241 30.03 -8.67 -4.89
CA PHE D 241 29.09 -9.10 -3.86
C PHE D 241 28.84 -8.00 -2.85
N GLN D 242 27.71 -8.12 -2.19
CA GLN D 242 27.24 -7.21 -1.16
C GLN D 242 26.89 -7.96 0.13
N LYS D 243 26.77 -7.20 1.21
CA LYS D 243 26.38 -7.84 2.48
C LYS D 243 26.14 -6.80 3.57
N TRP D 244 25.23 -7.09 4.47
CA TRP D 244 25.07 -6.25 5.64
C TRP D 244 24.81 -6.99 6.96
N ALA D 245 25.10 -6.22 8.01
CA ALA D 245 24.95 -6.62 9.40
C ALA D 245 24.11 -5.55 10.09
N ALA D 246 23.07 -5.94 10.82
CA ALA D 246 22.27 -4.92 11.49
C ALA D 246 22.13 -5.23 12.97
N VAL D 247 22.10 -4.18 13.78
CA VAL D 247 21.94 -4.33 15.22
C VAL D 247 21.01 -3.26 15.76
N VAL D 248 20.06 -3.70 16.57
CA VAL D 248 19.09 -2.79 17.18
C VAL D 248 19.72 -2.33 18.49
N VAL D 249 19.83 -1.02 18.56
CA VAL D 249 20.58 -0.33 19.61
C VAL D 249 19.75 0.70 20.41
N PRO D 250 19.84 0.68 21.76
CA PRO D 250 19.18 1.68 22.60
C PRO D 250 19.73 3.10 22.34
N SER D 251 18.92 3.99 21.80
CA SER D 251 19.25 5.36 21.50
C SER D 251 20.03 6.07 22.62
N GLY D 252 21.12 6.70 22.22
CA GLY D 252 22.03 7.34 23.13
C GLY D 252 23.23 6.42 23.33
N GLN D 253 23.18 5.22 22.74
CA GLN D 253 24.28 4.27 22.93
C GLN D 253 24.89 3.78 21.62
N GLU D 254 24.74 4.50 20.51
CA GLU D 254 25.28 4.15 19.23
C GLU D 254 26.80 4.05 19.29
N GLN D 255 27.41 4.93 20.03
CA GLN D 255 28.82 5.06 20.24
C GLN D 255 29.55 3.86 20.83
N ARG D 256 28.87 2.87 21.40
CA ARG D 256 29.63 1.76 21.96
C ARG D 256 29.67 0.57 21.04
N TYR D 257 28.92 0.67 19.95
CA TYR D 257 28.87 -0.36 18.94
C TYR D 257 29.89 -0.04 17.86
N THR D 258 30.52 -1.06 17.31
CA THR D 258 31.52 -0.93 16.28
C THR D 258 31.38 -2.11 15.31
N CYS D 259 31.25 -1.78 14.02
CA CYS D 259 31.19 -2.83 13.01
C CYS D 259 32.58 -3.25 12.60
N HIS D 260 32.82 -4.53 12.36
CA HIS D 260 34.14 -5.01 11.95
C HIS D 260 34.03 -5.71 10.60
N VAL D 261 34.95 -5.31 9.71
CA VAL D 261 34.94 -5.85 8.35
C VAL D 261 36.28 -6.51 8.07
N GLN D 262 36.23 -7.76 7.69
CA GLN D 262 37.39 -8.54 7.34
C GLN D 262 37.20 -9.05 5.90
N HIS D 263 38.19 -8.68 5.09
CA HIS D 263 38.22 -9.06 3.69
C HIS D 263 39.62 -9.03 3.12
N GLU D 264 39.89 -9.95 2.20
CA GLU D 264 41.18 -10.04 1.52
C GLU D 264 41.64 -8.77 0.83
N GLY D 265 40.70 -7.95 0.40
CA GLY D 265 40.81 -6.70 -0.28
C GLY D 265 41.38 -5.61 0.61
N LEU D 266 41.28 -5.81 1.93
CA LEU D 266 41.76 -4.77 2.84
C LEU D 266 43.07 -5.23 3.45
N PRO D 267 44.02 -4.31 3.58
CA PRO D 267 45.31 -4.62 4.19
C PRO D 267 45.10 -4.73 5.71
N LYS D 268 44.12 -3.94 6.14
CA LYS D 268 43.66 -3.83 7.50
C LYS D 268 42.18 -4.07 7.70
N PRO D 269 41.81 -4.85 8.71
CA PRO D 269 40.40 -5.05 9.00
C PRO D 269 39.83 -3.71 9.45
N LEU D 270 38.68 -3.33 8.89
CA LEU D 270 38.05 -2.08 9.26
C LEU D 270 37.23 -2.19 10.53
N THR D 271 37.29 -1.09 11.26
CA THR D 271 36.53 -0.84 12.47
C THR D 271 35.76 0.47 12.30
N LEU D 272 34.48 0.47 11.97
CA LEU D 272 33.73 1.70 11.87
C LEU D 272 32.83 1.84 13.10
N ARG D 273 32.32 3.04 13.31
CA ARG D 273 31.53 3.35 14.50
C ARG D 273 30.50 4.39 14.13
N TRP D 274 29.35 4.46 14.77
CA TRP D 274 28.44 5.53 14.30
C TRP D 274 28.87 6.83 14.95
N GLU D 275 29.08 7.92 14.24
CA GLU D 275 29.59 9.12 14.88
C GLU D 275 30.21 10.16 13.94
N MET E 1 10.60 -36.49 0.13
CA MET E 1 11.48 -35.51 -0.51
C MET E 1 11.79 -34.24 0.22
N ILE E 2 13.09 -34.05 0.37
CA ILE E 2 13.62 -32.84 0.98
C ILE E 2 12.96 -31.64 0.35
N GLN E 3 12.57 -30.69 1.19
CA GLN E 3 11.88 -29.46 0.82
C GLN E 3 12.37 -28.28 1.68
N ARG E 4 13.30 -27.53 1.07
CA ARG E 4 13.87 -26.36 1.76
C ARG E 4 13.32 -25.10 1.09
N THR E 5 12.96 -24.17 1.94
CA THR E 5 12.30 -22.95 1.53
C THR E 5 13.32 -21.88 1.18
N PRO E 6 12.95 -21.13 0.15
CA PRO E 6 13.78 -20.08 -0.39
C PRO E 6 13.92 -18.85 0.47
N LYS E 7 15.17 -18.41 0.60
CA LYS E 7 15.45 -17.13 1.25
C LYS E 7 15.25 -16.12 0.10
N ILE E 8 14.72 -14.96 0.38
CA ILE E 8 14.39 -13.96 -0.60
C ILE E 8 15.01 -12.60 -0.23
N GLN E 9 15.90 -12.12 -1.09
CA GLN E 9 16.49 -10.81 -0.91
C GLN E 9 16.14 -9.89 -2.07
N VAL E 10 15.63 -8.70 -1.72
CA VAL E 10 15.23 -7.72 -2.71
C VAL E 10 16.10 -6.47 -2.55
N TYR E 11 16.84 -6.12 -3.59
CA TYR E 11 17.83 -5.07 -3.52
C TYR E 11 18.19 -4.52 -4.90
N SER E 12 18.88 -3.38 -4.84
CA SER E 12 19.35 -2.71 -6.04
C SER E 12 20.84 -2.96 -6.16
N ARG E 13 21.40 -3.00 -7.38
CA ARG E 13 22.83 -3.30 -7.55
C ARG E 13 23.73 -2.22 -7.00
N HIS E 14 23.30 -0.98 -7.11
CA HIS E 14 24.01 0.19 -6.62
C HIS E 14 23.00 0.89 -5.71
N PRO E 15 23.47 1.71 -4.79
CA PRO E 15 22.60 2.50 -3.94
C PRO E 15 21.55 3.20 -4.78
N ALA E 16 20.30 3.26 -4.33
CA ALA E 16 19.21 3.88 -5.06
C ALA E 16 19.28 5.40 -5.03
N GLU E 17 19.11 5.99 -6.20
CA GLU E 17 19.14 7.45 -6.38
C GLU E 17 18.01 7.76 -7.35
N ASN E 18 16.98 8.42 -6.83
CA ASN E 18 15.84 8.72 -7.71
C ASN E 18 16.34 9.42 -8.97
N GLY E 19 15.98 8.92 -10.13
CA GLY E 19 16.44 9.49 -11.39
C GLY E 19 17.52 8.68 -12.09
N LYS E 20 18.42 8.08 -11.30
CA LYS E 20 19.49 7.27 -11.88
C LYS E 20 19.12 5.81 -12.08
N SER E 21 19.41 5.28 -13.27
CA SER E 21 19.15 3.90 -13.61
C SER E 21 20.04 2.96 -12.80
N ASN E 22 19.50 1.78 -12.55
CA ASN E 22 20.06 0.71 -11.76
C ASN E 22 19.54 -0.65 -12.23
N PHE E 23 19.79 -1.66 -11.39
CA PHE E 23 19.24 -2.99 -11.58
C PHE E 23 18.49 -3.42 -10.32
N LEU E 24 17.22 -3.77 -10.45
CA LEU E 24 16.51 -4.33 -9.31
C LEU E 24 16.79 -5.83 -9.25
N ASN E 25 17.27 -6.29 -8.11
CA ASN E 25 17.56 -7.71 -7.97
C ASN E 25 16.64 -8.41 -6.97
N CYS E 26 16.48 -9.71 -7.20
CA CYS E 26 15.75 -10.59 -6.29
C CYS E 26 16.56 -11.88 -6.14
N TYR E 27 17.24 -12.04 -5.04
CA TYR E 27 18.09 -13.21 -4.85
C TYR E 27 17.32 -14.31 -4.14
N VAL E 28 17.20 -15.50 -4.73
CA VAL E 28 16.50 -16.58 -4.03
C VAL E 28 17.51 -17.67 -3.75
N SER E 29 17.60 -18.14 -2.53
CA SER E 29 18.60 -19.13 -2.14
C SER E 29 18.10 -20.11 -1.07
N GLY E 30 18.89 -21.16 -0.94
CA GLY E 30 18.69 -22.27 -0.04
C GLY E 30 17.43 -23.08 -0.22
N PHE E 31 16.85 -23.18 -1.40
CA PHE E 31 15.66 -23.98 -1.64
C PHE E 31 15.96 -25.30 -2.36
N HIS E 32 14.97 -26.18 -2.32
CA HIS E 32 14.93 -27.49 -2.91
C HIS E 32 13.50 -28.02 -2.85
N PRO E 33 12.95 -28.55 -3.95
CA PRO E 33 13.66 -28.69 -5.22
C PRO E 33 13.84 -27.39 -6.00
N SER E 34 14.41 -27.43 -7.19
CA SER E 34 14.69 -26.27 -8.00
C SER E 34 13.53 -25.70 -8.78
N ASP E 35 12.33 -26.24 -8.73
CA ASP E 35 11.18 -25.65 -9.42
C ASP E 35 10.75 -24.41 -8.63
N ILE E 36 10.90 -23.20 -9.18
CA ILE E 36 10.50 -22.01 -8.42
C ILE E 36 9.96 -20.91 -9.31
N GLU E 37 8.94 -20.16 -8.87
CA GLU E 37 8.38 -19.08 -9.67
C GLU E 37 8.84 -17.73 -9.12
N VAL E 38 9.60 -16.95 -9.89
CA VAL E 38 10.13 -15.68 -9.42
C VAL E 38 9.80 -14.54 -10.38
N ASP E 39 9.22 -13.47 -9.88
CA ASP E 39 8.84 -12.27 -10.57
C ASP E 39 9.14 -11.01 -9.75
N LEU E 40 9.41 -9.94 -10.46
CA LEU E 40 9.66 -8.60 -9.95
C LEU E 40 8.45 -7.75 -10.33
N LEU E 41 7.92 -6.99 -9.37
CA LEU E 41 6.77 -6.17 -9.66
C LEU E 41 7.11 -4.68 -9.51
N LYS E 42 6.25 -3.90 -10.15
CA LYS E 42 6.36 -2.46 -10.14
C LYS E 42 4.95 -1.97 -9.81
N ASN E 43 4.73 -1.43 -8.60
CA ASN E 43 3.36 -0.99 -8.26
C ASN E 43 2.36 -2.13 -8.45
N GLY E 44 2.71 -3.33 -7.96
CA GLY E 44 1.93 -4.54 -8.06
C GLY E 44 2.00 -5.25 -9.39
N GLU E 45 2.40 -4.61 -10.49
CA GLU E 45 2.45 -5.14 -11.82
C GLU E 45 3.73 -5.91 -12.10
N ARG E 46 3.61 -7.01 -12.82
CA ARG E 46 4.77 -7.85 -13.14
C ARG E 46 5.74 -7.20 -14.10
N ILE E 47 7.03 -7.15 -13.77
CA ILE E 47 8.02 -6.59 -14.68
C ILE E 47 8.39 -7.65 -15.71
N GLU E 48 7.95 -7.45 -16.95
CA GLU E 48 8.15 -8.37 -18.03
C GLU E 48 9.56 -8.67 -18.49
N LYS E 49 10.39 -7.67 -18.74
CA LYS E 49 11.76 -7.91 -19.17
C LYS E 49 12.60 -8.28 -17.97
N VAL E 50 12.50 -9.51 -17.46
CA VAL E 50 13.30 -9.90 -16.30
C VAL E 50 14.18 -11.09 -16.67
N GLU E 51 15.45 -11.05 -16.28
CA GLU E 51 16.34 -12.16 -16.59
C GLU E 51 16.69 -12.92 -15.31
N HIS E 52 17.47 -14.00 -15.49
CA HIS E 52 17.86 -14.72 -14.27
C HIS E 52 19.17 -15.45 -14.52
N SER E 53 19.87 -15.72 -13.41
CA SER E 53 21.18 -16.37 -13.55
C SER E 53 21.00 -17.82 -13.93
N ASP E 54 22.08 -18.52 -14.20
CA ASP E 54 21.93 -19.95 -14.55
C ASP E 54 21.88 -20.68 -13.22
N LEU E 55 21.03 -21.68 -13.12
CA LEU E 55 20.85 -22.44 -11.91
C LEU E 55 22.12 -23.09 -11.39
N SER E 56 22.47 -22.79 -10.15
CA SER E 56 23.61 -23.39 -9.46
C SER E 56 23.20 -23.87 -8.07
N PHE E 57 24.08 -24.38 -7.23
CA PHE E 57 23.72 -24.80 -5.89
C PHE E 57 24.91 -24.69 -4.94
N SER E 58 24.61 -24.64 -3.64
CA SER E 58 25.58 -24.50 -2.56
C SER E 58 26.16 -25.83 -2.04
N LYS E 59 26.99 -25.75 -1.00
CA LYS E 59 27.62 -26.94 -0.42
C LYS E 59 26.60 -27.99 0.04
N ASP E 60 25.52 -27.55 0.67
CA ASP E 60 24.46 -28.36 1.17
C ASP E 60 23.43 -28.79 0.14
N TRP E 61 23.64 -28.50 -1.14
CA TRP E 61 22.86 -28.89 -2.29
C TRP E 61 21.65 -27.99 -2.58
N SER E 62 21.46 -26.95 -1.80
CA SER E 62 20.26 -26.13 -2.07
C SER E 62 20.56 -25.17 -3.20
N PHE E 63 19.53 -24.76 -3.94
CA PHE E 63 19.76 -23.89 -5.09
C PHE E 63 19.67 -22.40 -4.76
N TYR E 64 20.28 -21.61 -5.63
CA TYR E 64 20.24 -20.16 -5.56
C TYR E 64 20.15 -19.60 -6.99
N LEU E 65 19.40 -18.52 -7.15
CA LEU E 65 19.28 -17.90 -8.46
C LEU E 65 19.29 -16.38 -8.32
N LEU E 66 19.61 -15.64 -9.35
CA LEU E 66 19.47 -14.19 -9.32
C LEU E 66 18.47 -13.70 -10.37
N TYR E 67 17.42 -13.00 -9.95
CA TYR E 67 16.49 -12.43 -10.93
C TYR E 67 16.85 -10.93 -10.92
N TYR E 68 16.80 -10.28 -12.07
CA TYR E 68 17.23 -8.92 -12.20
C TYR E 68 16.56 -8.26 -13.39
N THR E 69 16.54 -6.93 -13.30
CA THR E 69 15.91 -6.10 -14.33
C THR E 69 16.46 -4.69 -14.24
N GLU E 70 16.57 -3.98 -15.37
CA GLU E 70 17.07 -2.60 -15.35
C GLU E 70 15.97 -1.71 -14.78
N PHE E 71 16.34 -0.76 -13.93
CA PHE E 71 15.25 0.11 -13.45
C PHE E 71 15.76 1.46 -12.97
N THR E 72 14.85 2.44 -13.01
CA THR E 72 15.17 3.79 -12.57
C THR E 72 14.32 4.12 -11.35
N PRO E 73 14.89 3.94 -10.17
CA PRO E 73 14.20 4.20 -8.93
C PRO E 73 13.65 5.62 -8.92
N THR E 74 12.50 5.72 -8.28
CA THR E 74 11.80 7.01 -8.19
C THR E 74 11.32 7.20 -6.77
N GLU E 75 10.99 8.43 -6.37
CA GLU E 75 10.52 8.58 -5.00
C GLU E 75 9.25 7.75 -4.83
N LYS E 76 8.34 7.83 -5.78
CA LYS E 76 7.02 7.24 -5.69
C LYS E 76 6.89 5.75 -5.83
N ASP E 77 7.41 5.18 -6.91
CA ASP E 77 7.29 3.78 -7.26
C ASP E 77 7.66 2.77 -6.20
N GLU E 78 6.83 1.72 -6.14
CA GLU E 78 7.05 0.60 -5.25
C GLU E 78 7.40 -0.65 -6.06
N TYR E 79 8.47 -1.32 -5.66
CA TYR E 79 8.92 -2.56 -6.24
C TYR E 79 8.86 -3.66 -5.18
N ALA E 80 8.68 -4.89 -5.64
CA ALA E 80 8.64 -6.08 -4.82
C ALA E 80 9.03 -7.31 -5.64
N CYS E 81 9.27 -8.39 -4.91
CA CYS E 81 9.61 -9.68 -5.47
C CYS E 81 8.56 -10.70 -5.06
N ARG E 82 7.94 -11.34 -6.05
CA ARG E 82 6.96 -12.36 -5.73
C ARG E 82 7.49 -13.76 -6.03
N VAL E 83 7.49 -14.59 -4.97
CA VAL E 83 8.09 -15.91 -5.11
C VAL E 83 7.14 -17.03 -4.77
N ASN E 84 7.21 -18.05 -5.64
CA ASN E 84 6.41 -19.26 -5.33
C ASN E 84 7.26 -20.51 -5.40
N HIS E 85 7.04 -21.41 -4.46
CA HIS E 85 7.77 -22.69 -4.41
C HIS E 85 6.91 -23.71 -3.67
N VAL E 86 7.07 -25.02 -3.83
CA VAL E 86 6.30 -26.02 -3.13
C VAL E 86 6.20 -25.76 -1.61
N THR E 87 7.28 -25.34 -0.98
CA THR E 87 7.29 -25.10 0.44
C THR E 87 6.42 -23.92 0.90
N LEU E 88 5.80 -23.17 0.01
CA LEU E 88 5.00 -22.02 0.32
C LEU E 88 3.51 -22.28 0.03
N SER E 89 2.65 -22.05 1.01
CA SER E 89 1.22 -22.16 0.81
C SER E 89 0.79 -21.21 -0.30
N GLN E 90 1.24 -19.97 -0.28
CA GLN E 90 0.88 -19.02 -1.34
C GLN E 90 2.08 -18.14 -1.63
N PRO E 91 2.04 -17.42 -2.73
CA PRO E 91 3.17 -16.62 -3.16
C PRO E 91 3.63 -15.68 -2.08
N LYS E 92 4.92 -15.74 -1.74
CA LYS E 92 5.43 -14.80 -0.73
C LYS E 92 5.80 -13.57 -1.54
N ILE E 93 5.55 -12.38 -1.04
CA ILE E 93 5.86 -11.11 -1.69
C ILE E 93 6.73 -10.25 -0.78
N VAL E 94 7.90 -9.86 -1.29
CA VAL E 94 8.85 -9.06 -0.53
C VAL E 94 9.07 -7.71 -1.19
N LYS E 95 8.81 -6.65 -0.43
CA LYS E 95 8.93 -5.32 -0.97
C LYS E 95 10.38 -4.84 -0.87
N TRP E 96 10.78 -4.08 -1.88
CA TRP E 96 12.11 -3.50 -1.86
C TRP E 96 12.13 -2.34 -0.87
N ASP E 97 13.26 -2.21 -0.19
CA ASP E 97 13.52 -1.19 0.80
C ASP E 97 14.91 -0.67 0.47
N ARG E 98 15.00 0.54 -0.08
CA ARG E 98 16.27 1.15 -0.42
C ARG E 98 17.40 0.80 0.53
N ASP E 99 17.15 0.96 1.81
CA ASP E 99 18.15 0.66 2.81
C ASP E 99 18.50 -0.82 2.80
N MET E 100 17.54 -1.68 2.62
CA MET E 100 17.92 -3.09 2.85
C MET E 100 18.47 -3.66 1.55
N PHE F 1 37.47 -26.49 -17.79
CA PHE F 1 37.77 -27.67 -18.68
C PHE F 1 37.10 -28.92 -18.15
N LEU F 2 36.04 -29.37 -18.75
CA LEU F 2 35.30 -30.53 -18.29
C LEU F 2 36.09 -31.83 -18.33
N LYS F 3 35.68 -32.72 -17.42
CA LYS F 3 36.28 -34.03 -17.33
C LYS F 3 35.60 -34.99 -18.31
N GLU F 4 36.36 -35.97 -18.69
CA GLU F 4 35.89 -37.00 -19.64
C GLU F 4 36.70 -38.29 -19.41
N PRO F 5 36.14 -39.50 -19.50
CA PRO F 5 34.70 -39.77 -19.65
C PRO F 5 34.01 -39.60 -18.30
N VAL F 6 32.69 -39.84 -18.33
CA VAL F 6 31.83 -39.76 -17.14
C VAL F 6 31.02 -41.04 -17.01
N HIS F 7 31.15 -41.76 -15.90
CA HIS F 7 30.39 -43.00 -15.79
C HIS F 7 29.07 -42.82 -15.05
N GLY F 8 28.06 -43.57 -15.51
CA GLY F 8 26.76 -43.53 -14.88
C GLY F 8 26.76 -44.27 -13.55
N VAL F 9 25.71 -44.03 -12.77
CA VAL F 9 25.56 -44.63 -11.45
C VAL F 9 25.12 -46.09 -11.54
#